data_3HPJ
#
_entry.id   3HPJ
#
_cell.length_a   63.595
_cell.length_b   86.780
_cell.length_c   79.116
_cell.angle_alpha   90.000
_cell.angle_beta   90.070
_cell.angle_gamma   90.000
#
_symmetry.space_group_name_H-M   'P 1 21 1'
#
loop_
_entity.id
_entity.type
_entity.pdbx_description
1 polymer 'HLA class I histocompatibility antigen, A-2 alpha chain'
2 polymer Beta-2-microglobulin
3 polymer 'WT126 peptide'
4 non-polymer GLYCEROL
5 water water
#
loop_
_entity_poly.entity_id
_entity_poly.type
_entity_poly.pdbx_seq_one_letter_code
_entity_poly.pdbx_strand_id
1 'polypeptide(L)'
;GSHSMRYFFTSVSRPGRGEPRFIAVGYVDDTQFVRFDSDAASQRMEPRAPWIEQEGPEYWDGETRKVKAHSQTHRVDLGT
LRGYYNQSEAGSHTVQRMYGCDVGSDWRFLRGYHQYAYDGKDYIALKEDLRSWTAADMAAQTTKHKWEAAHVAEQLRAYL
EGTCVEWLRRYLENGKETLQRTDAPKTHMTHHAVSDHEATLRCWALSFYPAEITLTWQRDGEDQTQDTELVETRPAGDGT
FQKWAAVVVPSGQEQRYTCHVQHEGLPKPLTLRWE
;
A,D
2 'polypeptide(L)'
;MIQRTPKIQVYSRHPAENGKSNFLNCYVSGFHPSDIEVDLLKNGERIEKVEHSDLSFSKDWSFYLLYYTEFTPTEKDEYA
CRVNHVTLSQPKIVKWDRDM
;
B,E
3 'polypeptide(L)' RMFPNAPYL C,F
#
# COMPACT_ATOMS: atom_id res chain seq x y z
N GLY A 1 -7.09 3.55 -0.19
CA GLY A 1 -5.93 4.50 -0.07
C GLY A 1 -4.74 3.88 0.66
N SER A 2 -4.08 4.68 1.51
CA SER A 2 -3.05 4.17 2.42
C SER A 2 -3.62 3.46 3.65
N HIS A 3 -2.79 2.66 4.33
CA HIS A 3 -3.23 1.88 5.46
C HIS A 3 -2.18 1.79 6.56
N SER A 4 -2.58 1.46 7.80
CA SER A 4 -1.61 1.38 8.88
C SER A 4 -2.01 0.38 9.89
N MET A 5 -1.05 -0.22 10.56
CA MET A 5 -1.33 -1.06 11.69
C MET A 5 -0.55 -0.45 12.82
N ARG A 6 -1.19 -0.17 13.97
CA ARG A 6 -0.46 0.43 15.12
C ARG A 6 -0.88 -0.21 16.41
N TYR A 7 0.11 -0.39 17.28
CA TYR A 7 -0.12 -0.82 18.62
C TYR A 7 0.29 0.28 19.58
N PHE A 8 -0.49 0.46 20.63
CA PHE A 8 -0.32 1.57 21.59
C PHE A 8 -0.33 0.94 22.98
N PHE A 9 0.59 1.32 23.86
CA PHE A 9 0.71 0.69 25.16
C PHE A 9 0.84 1.79 26.21
N THR A 10 0.08 1.71 27.31
CA THR A 10 0.20 2.64 28.41
C THR A 10 0.44 1.87 29.68
N SER A 11 1.50 2.25 30.37
CA SER A 11 1.77 1.72 31.65
C SER A 11 1.81 2.84 32.71
N VAL A 12 1.01 2.72 33.78
CA VAL A 12 0.92 3.80 34.78
C VAL A 12 1.16 3.28 36.19
N SER A 13 2.22 3.76 36.84
CA SER A 13 2.47 3.31 38.22
C SER A 13 1.46 3.94 39.18
N ARG A 14 1.15 3.20 40.24
CA ARG A 14 0.24 3.70 41.26
C ARG A 14 0.68 3.29 42.68
N PRO A 15 1.74 3.94 43.23
CA PRO A 15 2.37 3.61 44.53
C PRO A 15 1.38 3.49 45.70
N GLY A 16 1.62 2.53 46.59
CA GLY A 16 0.68 2.19 47.68
C GLY A 16 -0.58 1.45 47.21
N ARG A 17 -0.61 1.07 45.93
CA ARG A 17 -1.72 0.32 45.37
C ARG A 17 -1.25 -0.81 44.46
N GLY A 18 -0.07 -1.35 44.78
CA GLY A 18 0.57 -2.42 44.01
C GLY A 18 0.69 -2.14 42.51
N GLU A 19 0.65 -3.23 41.74
CA GLU A 19 0.99 -3.29 40.30
C GLU A 19 0.54 -2.14 39.39
N PRO A 20 1.47 -1.67 38.53
CA PRO A 20 1.18 -0.68 37.51
C PRO A 20 0.02 -1.12 36.63
N ARG A 21 -0.85 -0.18 36.31
CA ARG A 21 -1.89 -0.45 35.34
C ARG A 21 -1.32 -0.53 33.93
N PHE A 22 -1.64 -1.58 33.19
CA PHE A 22 -1.15 -1.74 31.81
C PHE A 22 -2.30 -1.89 30.82
N ILE A 23 -2.32 -1.02 29.81
CA ILE A 23 -3.35 -1.12 28.75
C ILE A 23 -2.70 -1.20 27.40
N ALA A 24 -3.11 -2.17 26.57
CA ALA A 24 -2.61 -2.31 25.21
C ALA A 24 -3.78 -2.30 24.28
N VAL A 25 -3.64 -1.64 23.13
CA VAL A 25 -4.65 -1.62 22.04
C VAL A 25 -3.96 -1.68 20.72
N GLY A 26 -4.64 -2.29 19.75
CA GLY A 26 -4.17 -2.39 18.39
C GLY A 26 -5.24 -1.84 17.46
N TYR A 27 -4.78 -1.11 16.42
CA TYR A 27 -5.62 -0.54 15.38
C TYR A 27 -5.14 -0.95 14.01
N VAL A 28 -6.09 -1.20 13.11
CA VAL A 28 -5.84 -1.07 11.71
C VAL A 28 -6.58 0.19 11.26
N ASP A 29 -5.84 1.16 10.69
CA ASP A 29 -6.34 2.48 10.31
C ASP A 29 -7.04 3.09 11.52
N ASP A 30 -8.31 3.44 11.36
CA ASP A 30 -9.04 4.02 12.46
C ASP A 30 -9.92 3.01 13.19
N THR A 31 -9.64 1.71 13.03
CA THR A 31 -10.47 0.66 13.60
C THR A 31 -9.63 -0.11 14.61
N GLN A 32 -10.03 -0.01 15.87
CA GLN A 32 -9.50 -0.82 16.93
C GLN A 32 -9.87 -2.27 16.73
N PHE A 33 -8.94 -3.19 17.03
CA PHE A 33 -9.26 -4.60 16.92
C PHE A 33 -8.87 -5.50 18.07
N VAL A 34 -7.90 -5.12 18.92
CA VAL A 34 -7.54 -5.91 20.08
C VAL A 34 -7.36 -5.04 21.31
N ARG A 35 -7.50 -5.64 22.48
CA ARG A 35 -7.15 -4.89 23.70
C ARG A 35 -6.65 -5.89 24.72
N PHE A 36 -5.91 -5.38 25.71
CA PHE A 36 -5.59 -6.09 26.90
C PHE A 36 -5.59 -5.02 27.97
N ASP A 37 -6.21 -5.36 29.08
CA ASP A 37 -6.21 -4.53 30.27
C ASP A 37 -5.80 -5.34 31.51
N SER A 38 -4.72 -4.91 32.20
CA SER A 38 -4.14 -5.69 33.27
C SER A 38 -5.05 -5.82 34.48
N ASP A 39 -5.92 -4.83 34.69
CA ASP A 39 -6.97 -4.93 35.71
C ASP A 39 -8.24 -5.70 35.29
N ALA A 40 -8.33 -6.20 34.06
CA ALA A 40 -9.52 -6.97 33.71
C ALA A 40 -9.52 -8.42 34.28
N ALA A 41 -10.70 -9.03 34.31
CA ALA A 41 -10.90 -10.41 34.82
C ALA A 41 -10.12 -11.46 34.03
N SER A 42 -10.22 -11.38 32.69
CA SER A 42 -9.74 -12.44 31.81
C SER A 42 -8.23 -12.68 31.78
N GLN A 43 -7.42 -11.62 31.90
CA GLN A 43 -5.95 -11.70 31.70
C GLN A 43 -5.59 -12.22 30.29
N ARG A 44 -6.37 -11.80 29.29
CA ARG A 44 -6.18 -12.24 27.89
C ARG A 44 -6.19 -11.08 26.92
N MET A 45 -5.48 -11.21 25.80
CA MET A 45 -5.70 -10.34 24.68
C MET A 45 -7.10 -10.62 24.16
N GLU A 46 -7.91 -9.60 23.87
CA GLU A 46 -9.31 -9.86 23.50
C GLU A 46 -9.70 -9.20 22.18
N PRO A 47 -10.64 -9.80 21.43
CA PRO A 47 -11.05 -9.16 20.19
C PRO A 47 -11.92 -7.90 20.41
N ARG A 48 -11.75 -6.90 19.57
CA ARG A 48 -12.64 -5.69 19.57
C ARG A 48 -13.19 -5.32 18.18
N ALA A 49 -13.04 -6.24 17.24
CA ALA A 49 -13.57 -6.08 15.90
C ALA A 49 -14.13 -7.43 15.53
N PRO A 50 -15.27 -7.47 14.79
CA PRO A 50 -15.77 -8.82 14.37
C PRO A 50 -14.82 -9.66 13.49
N TRP A 51 -14.05 -9.00 12.63
CA TRP A 51 -13.19 -9.71 11.67
C TRP A 51 -11.93 -10.35 12.27
N ILE A 52 -11.58 -10.03 13.52
CA ILE A 52 -10.46 -10.69 14.22
C ILE A 52 -10.94 -11.85 15.10
N GLU A 53 -12.23 -11.87 15.43
CA GLU A 53 -12.83 -13.03 16.12
C GLU A 53 -12.57 -14.39 15.45
N GLN A 54 -12.22 -14.44 14.14
CA GLN A 54 -12.07 -15.77 13.44
C GLN A 54 -10.71 -16.38 13.65
N GLU A 55 -9.80 -15.60 14.21
CA GLU A 55 -8.45 -16.08 14.47
C GLU A 55 -8.54 -17.18 15.52
N GLY A 56 -7.74 -18.19 15.38
CA GLY A 56 -7.92 -19.35 16.26
C GLY A 56 -7.26 -19.16 17.61
N PRO A 57 -7.35 -20.20 18.47
CA PRO A 57 -6.73 -20.19 19.78
C PRO A 57 -5.21 -19.93 19.74
N GLU A 58 -4.51 -20.39 18.69
CA GLU A 58 -3.07 -20.14 18.54
C GLU A 58 -2.77 -18.62 18.50
N TYR A 59 -3.55 -17.89 17.72
CA TYR A 59 -3.38 -16.44 17.65
C TYR A 59 -3.58 -15.81 19.06
N TRP A 60 -4.70 -16.14 19.65
CA TRP A 60 -5.10 -15.56 20.93
C TRP A 60 -4.15 -15.94 22.04
N ASP A 61 -3.74 -17.22 22.10
CA ASP A 61 -2.74 -17.60 23.11
C ASP A 61 -1.38 -16.91 22.88
N GLY A 62 -0.92 -16.82 21.63
CA GLY A 62 0.37 -16.18 21.31
C GLY A 62 0.34 -14.70 21.66
N GLU A 63 -0.72 -13.99 21.26
CA GLU A 63 -0.84 -12.56 21.59
C GLU A 63 -0.95 -12.30 23.09
N THR A 64 -1.60 -13.20 23.83
CA THR A 64 -1.80 -13.08 25.28
C THR A 64 -0.45 -13.23 25.95
N ARG A 65 0.31 -14.26 25.53
CA ARG A 65 1.66 -14.46 26.02
C ARG A 65 2.56 -13.23 25.87
N LYS A 66 2.58 -12.65 24.67
CA LYS A 66 3.40 -11.51 24.38
C LYS A 66 2.96 -10.29 25.19
N VAL A 67 1.65 -10.10 25.32
CA VAL A 67 1.12 -8.90 25.94
C VAL A 67 1.34 -8.93 27.47
N LYS A 68 1.28 -10.12 28.07
CA LYS A 68 1.53 -10.29 29.50
C LYS A 68 3.01 -10.11 29.78
N ALA A 69 3.87 -10.51 28.82
CA ALA A 69 5.31 -10.22 28.94
C ALA A 69 5.56 -8.74 28.90
N HIS A 70 4.92 -8.01 27.99
CA HIS A 70 5.08 -6.54 27.88
C HIS A 70 4.72 -5.81 29.12
N SER A 71 3.60 -6.25 29.72
CA SER A 71 3.15 -5.80 31.02
C SER A 71 4.30 -5.85 32.07
N GLN A 72 4.99 -7.01 32.12
CA GLN A 72 6.13 -7.20 33.00
C GLN A 72 7.31 -6.32 32.66
N THR A 73 7.61 -6.14 31.38
CA THR A 73 8.79 -5.36 31.11
C THR A 73 8.57 -3.90 31.46
N HIS A 74 7.36 -3.38 31.18
CA HIS A 74 7.04 -1.99 31.51
C HIS A 74 6.99 -1.69 32.98
N ARG A 75 6.62 -2.68 33.78
CA ARG A 75 6.75 -2.59 35.22
C ARG A 75 8.22 -2.41 35.64
N VAL A 76 9.12 -3.14 34.99
CA VAL A 76 10.55 -2.98 35.27
C VAL A 76 11.01 -1.59 34.80
N ASP A 77 10.55 -1.21 33.60
CA ASP A 77 10.82 0.10 32.99
C ASP A 77 10.49 1.30 33.86
N LEU A 78 9.37 1.22 34.57
CA LEU A 78 8.95 2.30 35.48
C LEU A 78 9.95 2.53 36.64
N GLY A 79 10.43 1.44 37.24
CA GLY A 79 11.49 1.50 38.23
C GLY A 79 12.78 2.05 37.63
N THR A 80 13.15 1.56 36.43
CA THR A 80 14.36 2.01 35.74
C THR A 80 14.39 3.54 35.51
N LEU A 81 13.26 4.07 35.04
CA LEU A 81 13.11 5.51 34.75
C LEU A 81 13.13 6.40 35.97
N ARG A 82 12.45 5.95 37.03
CA ARG A 82 12.50 6.53 38.38
C ARG A 82 13.96 6.60 38.90
N GLY A 83 14.73 5.53 38.67
CA GLY A 83 16.15 5.50 38.92
C GLY A 83 16.97 6.44 38.02
N TYR A 84 16.61 6.55 36.74
CA TYR A 84 17.33 7.45 35.82
C TYR A 84 17.13 8.91 36.15
N TYR A 85 15.91 9.24 36.57
CA TYR A 85 15.50 10.64 36.75
C TYR A 85 15.48 11.05 38.20
N ASN A 86 15.89 10.14 39.09
CA ASN A 86 15.99 10.39 40.54
C ASN A 86 14.72 10.72 41.23
N GLN A 87 13.67 10.09 40.78
CA GLN A 87 12.35 10.44 41.24
C GLN A 87 11.98 9.64 42.46
N SER A 88 11.12 10.21 43.27
CA SER A 88 10.68 9.52 44.44
C SER A 88 9.77 8.33 44.09
N GLU A 89 9.73 7.37 45.00
CA GLU A 89 8.90 6.19 44.90
C GLU A 89 7.39 6.50 45.03
N ALA A 90 7.02 7.65 45.60
CA ALA A 90 5.62 7.94 45.92
C ALA A 90 4.77 8.58 44.80
N GLY A 91 5.39 9.00 43.70
CA GLY A 91 4.66 9.65 42.61
C GLY A 91 4.23 8.68 41.54
N SER A 92 3.04 8.92 40.98
CA SER A 92 2.59 8.21 39.81
C SER A 92 3.25 8.75 38.51
N HIS A 93 3.73 7.83 37.66
CA HIS A 93 4.34 8.14 36.39
C HIS A 93 3.75 7.30 35.24
N THR A 94 3.98 7.73 33.99
CA THR A 94 3.40 7.09 32.77
C THR A 94 4.49 6.80 31.72
N VAL A 95 4.58 5.55 31.29
CA VAL A 95 5.32 5.19 30.05
CA VAL A 95 5.32 5.20 30.05
C VAL A 95 4.32 4.81 28.96
N GLN A 96 4.54 5.35 27.76
CA GLN A 96 3.74 5.01 26.62
C GLN A 96 4.67 4.57 25.56
N ARG A 97 4.19 3.63 24.74
CA ARG A 97 4.96 3.10 23.62
C ARG A 97 3.99 2.95 22.45
N MET A 98 4.48 3.20 21.26
CA MET A 98 3.64 3.04 20.11
C MET A 98 4.57 2.50 19.03
N TYR A 99 4.11 1.50 18.30
CA TYR A 99 4.81 1.13 17.07
C TYR A 99 3.83 0.70 15.94
N GLY A 100 4.38 0.63 14.72
CA GLY A 100 3.67 0.04 13.61
C GLY A 100 4.12 0.50 12.26
N CYS A 101 3.32 0.18 11.25
CA CYS A 101 3.77 0.33 9.90
C CYS A 101 2.72 1.00 9.00
N ASP A 102 3.19 1.68 7.96
CA ASP A 102 2.34 2.32 6.96
C ASP A 102 2.56 1.63 5.61
N VAL A 103 1.47 1.35 4.88
CA VAL A 103 1.55 0.93 3.48
C VAL A 103 0.79 1.91 2.58
N GLY A 104 1.15 1.92 1.31
CA GLY A 104 0.53 2.80 0.35
C GLY A 104 -0.68 2.13 -0.24
N SER A 105 -1.13 2.75 -1.34
CA SER A 105 -2.19 2.31 -2.25
C SER A 105 -2.14 0.84 -2.68
N ASP A 106 -0.91 0.39 -2.93
CA ASP A 106 -0.55 -0.90 -3.49
C ASP A 106 -0.16 -1.92 -2.41
N TRP A 107 -0.42 -1.53 -1.16
CA TRP A 107 -0.14 -2.28 0.06
C TRP A 107 1.34 -2.59 0.29
N ARG A 108 2.19 -1.72 -0.22
CA ARG A 108 3.61 -1.91 -0.11
C ARG A 108 4.13 -0.95 0.95
N PHE A 109 5.12 -1.41 1.72
CA PHE A 109 5.75 -0.68 2.83
C PHE A 109 6.10 0.77 2.50
N LEU A 110 5.71 1.66 3.38
CA LEU A 110 5.98 3.09 3.24
C LEU A 110 6.91 3.61 4.34
N ARG A 111 6.60 3.26 5.59
CA ARG A 111 7.43 3.64 6.77
C ARG A 111 7.06 2.88 8.02
N GLY A 112 8.01 2.80 8.95
CA GLY A 112 7.84 2.11 10.22
C GLY A 112 8.23 3.07 11.33
N TYR A 113 7.68 2.84 12.51
CA TYR A 113 7.96 3.69 13.67
C TYR A 113 7.94 2.81 14.90
N HIS A 114 8.65 3.24 15.95
CA HIS A 114 8.68 2.58 17.22
C HIS A 114 9.24 3.61 18.21
N GLN A 115 8.40 4.14 19.12
CA GLN A 115 8.62 5.39 19.85
C GLN A 115 8.11 5.23 21.27
N TYR A 116 8.75 5.88 22.22
CA TYR A 116 8.31 5.86 23.61
C TYR A 116 8.22 7.25 24.18
N ALA A 117 7.32 7.46 25.16
CA ALA A 117 7.24 8.73 25.93
C ALA A 117 7.30 8.43 27.42
N TYR A 118 7.87 9.34 28.20
CA TYR A 118 7.82 9.22 29.64
C TYR A 118 7.15 10.48 30.18
N ASP A 119 6.09 10.31 30.95
CA ASP A 119 5.31 11.45 31.49
C ASP A 119 4.81 12.46 30.41
N GLY A 120 4.37 11.92 29.24
CA GLY A 120 3.88 12.71 28.10
C GLY A 120 4.91 13.44 27.25
N LYS A 121 6.19 13.27 27.55
CA LYS A 121 7.28 13.84 26.73
C LYS A 121 8.04 12.74 25.94
N ASP A 122 8.36 13.00 24.67
CA ASP A 122 9.24 12.12 23.82
C ASP A 122 10.43 11.62 24.61
N TYR A 123 10.68 10.34 24.55
CA TYR A 123 11.80 9.79 25.32
C TYR A 123 12.80 9.20 24.32
N ILE A 124 12.35 8.23 23.52
CA ILE A 124 13.22 7.62 22.54
C ILE A 124 12.45 7.25 21.32
N ALA A 125 13.00 7.44 20.12
CA ALA A 125 12.28 7.08 18.87
C ALA A 125 13.16 6.48 17.77
N LEU A 126 12.70 5.39 17.18
CA LEU A 126 13.35 4.85 15.98
C LEU A 126 13.22 5.86 14.87
N LYS A 127 14.34 6.21 14.22
CA LYS A 127 14.29 7.17 13.10
C LYS A 127 13.79 6.47 11.84
N GLU A 128 13.51 7.25 10.79
CA GLU A 128 12.86 6.72 9.57
C GLU A 128 13.69 5.73 8.78
N ASP A 129 15.02 5.82 8.90
CA ASP A 129 15.90 4.81 8.28
C ASP A 129 15.81 3.43 8.95
N LEU A 130 15.11 3.37 10.09
CA LEU A 130 14.92 2.19 10.94
C LEU A 130 16.23 1.61 11.47
N ARG A 131 17.23 2.46 11.61
CA ARG A 131 18.55 1.98 11.99
C ARG A 131 19.19 2.76 13.15
N SER A 132 18.62 3.90 13.48
CA SER A 132 19.24 4.80 14.46
C SER A 132 18.17 5.43 15.35
N TRP A 133 18.58 5.92 16.52
CA TRP A 133 17.65 6.39 17.55
C TRP A 133 17.76 7.89 17.86
N THR A 134 16.62 8.53 18.07
CA THR A 134 16.60 9.88 18.59
C THR A 134 16.43 9.72 20.07
N ALA A 135 17.40 10.20 20.84
CA ALA A 135 17.30 10.20 22.30
C ALA A 135 17.19 11.60 22.84
N ALA A 136 16.10 11.90 23.57
CA ALA A 136 15.89 13.21 24.24
C ALA A 136 17.11 13.68 25.13
N ASP A 137 17.34 13.00 26.26
CA ASP A 137 18.37 13.48 27.21
C ASP A 137 19.39 12.40 27.55
N MET A 138 20.06 12.57 28.69
CA MET A 138 21.07 11.61 29.17
C MET A 138 20.48 10.25 29.53
N ALA A 139 19.34 10.27 30.20
CA ALA A 139 18.56 9.05 30.44
C ALA A 139 18.28 8.28 29.16
N ALA A 140 17.70 8.93 28.16
CA ALA A 140 17.35 8.23 26.93
C ALA A 140 18.59 7.76 26.11
N GLN A 141 19.67 8.53 26.19
CA GLN A 141 20.91 8.08 25.63
C GLN A 141 21.44 6.83 26.36
N THR A 142 21.19 6.72 27.67
CA THR A 142 21.43 5.46 28.39
C THR A 142 20.68 4.26 27.77
N THR A 143 19.41 4.45 27.44
CA THR A 143 18.57 3.47 26.78
C THR A 143 19.11 3.17 25.39
N LYS A 144 19.40 4.22 24.59
CA LYS A 144 19.99 4.08 23.22
C LYS A 144 21.20 3.15 23.23
N HIS A 145 22.10 3.30 24.19
CA HIS A 145 23.30 2.45 24.27
C HIS A 145 23.02 1.01 24.55
N LYS A 146 22.08 0.76 25.45
CA LYS A 146 21.57 -0.60 25.67
C LYS A 146 21.03 -1.21 24.40
N TRP A 147 20.25 -0.43 23.68
CA TRP A 147 19.56 -0.92 22.50
C TRP A 147 20.46 -1.13 21.26
N GLU A 148 21.51 -0.34 21.18
CA GLU A 148 22.47 -0.51 20.11
C GLU A 148 23.27 -1.79 20.32
N ALA A 149 23.64 -2.07 21.56
CA ALA A 149 24.43 -3.27 21.89
C ALA A 149 23.55 -4.53 21.84
N ALA A 150 22.25 -4.39 22.08
CA ALA A 150 21.32 -5.54 21.93
C ALA A 150 20.73 -5.67 20.51
N HIS A 151 21.14 -4.77 19.61
CA HIS A 151 20.73 -4.72 18.21
C HIS A 151 19.21 -4.66 18.03
N VAL A 152 18.59 -3.80 18.82
CA VAL A 152 17.15 -3.72 18.88
C VAL A 152 16.57 -3.14 17.57
N ALA A 153 17.27 -2.17 16.99
CA ALA A 153 16.86 -1.59 15.68
C ALA A 153 16.72 -2.65 14.59
N GLU A 154 17.65 -3.61 14.57
CA GLU A 154 17.69 -4.70 13.60
C GLU A 154 16.45 -5.60 13.66
N GLN A 155 16.10 -6.04 14.87
CA GLN A 155 14.93 -6.88 15.07
C GLN A 155 13.65 -6.13 14.74
N LEU A 156 13.62 -4.85 15.10
CA LEU A 156 12.47 -3.99 14.85
C LEU A 156 12.31 -3.75 13.36
N ARG A 157 13.41 -3.51 12.63
CA ARG A 157 13.37 -3.31 11.17
C ARG A 157 12.80 -4.51 10.42
N ALA A 158 13.21 -5.70 10.84
CA ALA A 158 12.70 -6.94 10.30
C ALA A 158 11.19 -7.09 10.52
N TYR A 159 10.74 -6.81 11.73
CA TYR A 159 9.32 -6.85 12.05
C TYR A 159 8.50 -5.84 11.24
N LEU A 160 8.96 -4.60 11.21
CA LEU A 160 8.21 -3.49 10.61
C LEU A 160 8.08 -3.57 9.10
N GLU A 161 9.09 -4.16 8.45
CA GLU A 161 9.12 -4.28 6.98
C GLU A 161 8.58 -5.63 6.51
N GLY A 162 8.41 -6.59 7.42
CA GLY A 162 8.00 -7.94 7.05
C GLY A 162 6.68 -8.28 7.69
N THR A 163 6.80 -8.88 8.89
CA THR A 163 5.69 -9.34 9.71
C THR A 163 4.55 -8.32 9.88
N CYS A 164 4.88 -7.09 10.31
CA CYS A 164 3.89 -6.03 10.48
C CYS A 164 3.02 -5.81 9.22
N VAL A 165 3.71 -5.59 8.11
CA VAL A 165 3.11 -5.41 6.79
C VAL A 165 2.29 -6.65 6.34
N GLU A 166 2.85 -7.85 6.56
CA GLU A 166 2.19 -9.11 6.25
C GLU A 166 0.90 -9.28 7.03
N TRP A 167 0.95 -8.97 8.31
CA TRP A 167 -0.24 -9.09 9.15
C TRP A 167 -1.25 -8.02 8.87
N LEU A 168 -0.76 -6.81 8.57
CA LEU A 168 -1.65 -5.70 8.14
C LEU A 168 -2.46 -6.16 6.91
N ARG A 169 -1.78 -6.71 5.91
CA ARG A 169 -2.42 -7.19 4.68
C ARG A 169 -3.47 -8.27 4.97
N ARG A 170 -3.14 -9.23 5.83
CA ARG A 170 -4.06 -10.31 6.18
C ARG A 170 -5.37 -9.79 6.78
N TYR A 171 -5.21 -8.84 7.71
CA TYR A 171 -6.30 -8.17 8.42
C TYR A 171 -7.15 -7.40 7.46
N LEU A 172 -6.48 -6.70 6.53
CA LEU A 172 -7.12 -5.93 5.46
C LEU A 172 -8.03 -6.81 4.63
N GLU A 173 -7.48 -7.97 4.22
CA GLU A 173 -8.21 -9.00 3.50
C GLU A 173 -9.34 -9.61 4.32
N ASN A 174 -9.02 -10.13 5.51
CA ASN A 174 -9.98 -10.78 6.41
C ASN A 174 -11.11 -9.84 6.81
N GLY A 175 -10.78 -8.57 7.02
CA GLY A 175 -11.81 -7.64 7.41
C GLY A 175 -12.23 -6.71 6.32
N LYS A 176 -12.27 -7.23 5.08
CA LYS A 176 -12.53 -6.44 3.87
C LYS A 176 -13.72 -5.46 3.91
N GLU A 177 -14.87 -5.94 4.41
CA GLU A 177 -16.13 -5.20 4.41
C GLU A 177 -16.04 -3.98 5.36
N THR A 178 -15.29 -4.13 6.44
CA THR A 178 -15.02 -3.07 7.44
C THR A 178 -13.84 -2.22 7.00
N LEU A 179 -12.74 -2.86 6.70
CA LEU A 179 -11.49 -2.10 6.58
C LEU A 179 -11.24 -1.48 5.21
N GLN A 180 -11.76 -2.08 4.14
CA GLN A 180 -11.44 -1.57 2.83
C GLN A 180 -12.59 -0.72 2.29
N ARG A 181 -13.50 -0.34 3.16
CA ARG A 181 -14.63 0.47 2.73
C ARG A 181 -14.19 1.93 2.80
N THR A 182 -14.90 2.74 2.02
CA THR A 182 -14.78 4.17 2.08
C THR A 182 -16.20 4.70 2.21
N ASP A 183 -16.49 5.35 3.33
CA ASP A 183 -17.86 5.87 3.53
C ASP A 183 -17.84 7.40 3.38
N ALA A 184 -18.40 7.90 2.27
CA ALA A 184 -18.57 9.36 2.03
C ALA A 184 -19.39 10.01 3.15
N PRO A 185 -18.99 11.23 3.61
CA PRO A 185 -19.79 11.92 4.63
C PRO A 185 -21.24 12.19 4.17
N LYS A 186 -22.20 12.02 5.07
CA LYS A 186 -23.54 12.46 4.81
C LYS A 186 -23.48 13.92 5.35
N THR A 187 -23.92 14.88 4.55
CA THR A 187 -23.73 16.29 4.93
C THR A 187 -25.09 17.00 4.99
N HIS A 188 -25.16 18.00 5.87
CA HIS A 188 -26.28 18.93 5.97
C HIS A 188 -25.81 20.22 6.63
N MET A 189 -26.72 21.16 6.68
CA MET A 189 -26.42 22.44 7.21
C MET A 189 -27.57 22.83 8.11
N THR A 190 -27.28 23.45 9.25
CA THR A 190 -28.29 24.02 10.10
C THR A 190 -28.05 25.53 10.27
N HIS A 191 -29.12 26.25 10.61
CA HIS A 191 -29.10 27.70 10.69
C HIS A 191 -29.85 28.04 11.97
N HIS A 192 -29.21 28.77 12.88
CA HIS A 192 -29.88 29.19 14.12
C HIS A 192 -29.62 30.65 14.45
N ALA A 193 -30.67 31.39 14.72
CA ALA A 193 -30.54 32.81 15.10
C ALA A 193 -29.88 32.97 16.47
N VAL A 194 -28.75 33.67 16.56
CA VAL A 194 -28.26 34.05 17.92
C VAL A 194 -28.78 35.41 18.40
N SER A 195 -29.17 36.26 17.47
CA SER A 195 -29.81 37.54 17.79
C SER A 195 -30.72 37.93 16.63
N ASP A 196 -31.23 39.15 16.65
CA ASP A 196 -31.98 39.62 15.48
C ASP A 196 -31.06 40.00 14.29
N HIS A 197 -29.76 40.18 14.54
CA HIS A 197 -28.83 40.59 13.49
C HIS A 197 -27.77 39.57 13.10
N GLU A 198 -27.76 38.38 13.75
CA GLU A 198 -26.77 37.30 13.50
C GLU A 198 -27.30 35.88 13.59
N ALA A 199 -26.69 35.00 12.81
CA ALA A 199 -27.02 33.59 12.89
C ALA A 199 -25.80 32.73 12.71
N THR A 200 -25.83 31.55 13.30
CA THR A 200 -24.86 30.50 13.12
C THR A 200 -25.29 29.59 11.98
N LEU A 201 -24.40 29.38 11.03
CA LEU A 201 -24.51 28.34 10.00
C LEU A 201 -23.53 27.26 10.40
N ARG A 202 -24.00 26.03 10.43
CA ARG A 202 -23.15 24.92 10.87
C ARG A 202 -23.21 23.82 9.82
N CYS A 203 -22.06 23.47 9.29
CA CYS A 203 -21.98 22.46 8.23
C CYS A 203 -21.56 21.17 8.88
N TRP A 204 -22.30 20.09 8.68
CA TRP A 204 -22.07 18.83 9.34
C TRP A 204 -21.56 17.78 8.36
N ALA A 205 -20.59 16.95 8.80
CA ALA A 205 -20.22 15.74 8.06
C ALA A 205 -20.42 14.57 8.98
N LEU A 206 -21.26 13.59 8.58
CA LEU A 206 -21.65 12.48 9.44
C LEU A 206 -21.36 11.15 8.77
N SER A 207 -21.20 10.14 9.61
CA SER A 207 -21.03 8.73 9.15
C SER A 207 -20.00 8.45 8.09
N PHE A 208 -18.82 9.05 8.29
CA PHE A 208 -17.79 8.88 7.32
C PHE A 208 -16.70 7.97 7.81
N TYR A 209 -15.98 7.39 6.87
CA TYR A 209 -14.85 6.50 7.16
C TYR A 209 -13.91 6.53 5.92
N PRO A 210 -12.60 6.69 6.14
CA PRO A 210 -11.88 6.85 7.41
C PRO A 210 -12.02 8.26 8.00
N ALA A 211 -11.28 8.50 9.08
CA ALA A 211 -11.50 9.68 9.91
C ALA A 211 -11.01 10.94 9.21
N GLU A 212 -9.97 10.84 8.34
CA GLU A 212 -9.41 12.01 7.63
C GLU A 212 -10.49 12.76 6.80
N ILE A 213 -10.61 14.08 6.98
CA ILE A 213 -11.61 14.92 6.32
C ILE A 213 -11.14 16.39 6.42
N THR A 214 -11.56 17.23 5.48
CA THR A 214 -11.36 18.66 5.57
C THR A 214 -12.74 19.30 5.35
N LEU A 215 -13.09 20.20 6.29
CA LEU A 215 -14.32 20.93 6.31
C LEU A 215 -13.94 22.41 6.45
N THR A 216 -14.31 23.29 5.51
CA THR A 216 -13.89 24.70 5.67
C THR A 216 -15.06 25.58 5.24
N TRP A 217 -15.10 26.78 5.80
CA TRP A 217 -16.06 27.76 5.37
C TRP A 217 -15.37 28.83 4.52
N GLN A 218 -16.02 29.23 3.43
CA GLN A 218 -15.60 30.45 2.72
C GLN A 218 -16.67 31.54 2.66
N ARG A 219 -16.22 32.79 2.55
CA ARG A 219 -17.13 33.93 2.36
C ARG A 219 -16.71 34.64 1.10
N ASP A 220 -17.59 34.69 0.09
CA ASP A 220 -17.20 35.11 -1.29
C ASP A 220 -15.89 34.41 -1.80
N GLY A 221 -15.72 33.13 -1.46
CA GLY A 221 -14.53 32.43 -1.90
C GLY A 221 -13.24 32.64 -1.09
N GLU A 222 -13.26 33.46 -0.05
CA GLU A 222 -12.09 33.53 0.84
C GLU A 222 -12.27 32.78 2.15
N ASP A 223 -11.21 32.09 2.56
CA ASP A 223 -11.27 31.16 3.69
C ASP A 223 -11.43 31.92 4.98
N GLN A 224 -12.32 31.43 5.82
CA GLN A 224 -12.66 32.06 7.08
C GLN A 224 -11.99 31.33 8.23
N THR A 225 -10.72 30.99 8.06
CA THR A 225 -9.96 30.13 9.00
C THR A 225 -10.04 30.62 10.44
N GLN A 226 -9.74 31.91 10.61
CA GLN A 226 -9.77 32.57 11.92
C GLN A 226 -11.16 32.73 12.52
N ASP A 227 -12.20 32.66 11.70
CA ASP A 227 -13.55 32.92 12.19
C ASP A 227 -14.45 31.68 12.20
N THR A 228 -13.85 30.53 11.99
CA THR A 228 -14.64 29.31 11.98
C THR A 228 -14.45 28.57 13.28
N GLU A 229 -15.54 28.12 13.91
CA GLU A 229 -15.46 27.17 15.00
C GLU A 229 -15.43 25.74 14.40
N LEU A 230 -14.32 25.05 14.60
CA LEU A 230 -14.14 23.72 14.00
C LEU A 230 -13.95 22.72 15.15
N VAL A 231 -14.77 21.68 15.24
CA VAL A 231 -14.53 20.68 16.30
C VAL A 231 -13.58 19.58 15.80
N GLU A 232 -12.87 18.96 16.74
CA GLU A 232 -12.06 17.80 16.45
C GLU A 232 -12.96 16.70 15.93
N THR A 233 -12.47 15.93 14.95
CA THR A 233 -13.16 14.74 14.46
C THR A 233 -13.37 13.75 15.60
N ARG A 234 -14.57 13.22 15.65
CA ARG A 234 -14.99 12.49 16.82
C ARG A 234 -15.64 11.17 16.39
N PRO A 235 -15.42 10.10 17.17
CA PRO A 235 -16.09 8.84 16.85
C PRO A 235 -17.61 8.83 17.15
N ALA A 236 -18.42 8.41 16.17
CA ALA A 236 -19.81 8.14 16.43
C ALA A 236 -20.08 6.92 17.33
N GLY A 237 -19.15 5.96 17.34
CA GLY A 237 -19.28 4.73 18.19
C GLY A 237 -19.70 3.50 17.39
N ASP A 238 -20.04 3.71 16.13
CA ASP A 238 -20.46 2.59 15.28
C ASP A 238 -19.39 2.30 14.22
N GLY A 239 -18.21 2.88 14.42
CA GLY A 239 -17.09 2.67 13.54
C GLY A 239 -16.98 3.79 12.50
N THR A 240 -17.90 4.75 12.54
CA THR A 240 -17.76 5.94 11.68
C THR A 240 -17.42 7.18 12.51
N PHE A 241 -17.25 8.32 11.82
CA PHE A 241 -16.75 9.53 12.43
C PHE A 241 -17.64 10.72 12.03
N GLN A 242 -17.52 11.80 12.80
CA GLN A 242 -18.32 13.03 12.63
C GLN A 242 -17.44 14.27 12.74
N LYS A 243 -17.88 15.39 12.12
CA LYS A 243 -17.20 16.68 12.34
C LYS A 243 -18.17 17.77 11.92
N TRP A 244 -18.08 18.91 12.58
CA TRP A 244 -18.81 20.09 12.08
C TRP A 244 -17.92 21.33 12.08
N ALA A 245 -18.26 22.31 11.24
CA ALA A 245 -17.63 23.60 11.17
C ALA A 245 -18.73 24.68 11.21
N ALA A 246 -18.58 25.68 12.06
CA ALA A 246 -19.62 26.72 12.16
C ALA A 246 -19.08 28.13 11.94
N VAL A 247 -19.91 28.99 11.34
CA VAL A 247 -19.61 30.41 11.21
C VAL A 247 -20.78 31.28 11.68
N VAL A 248 -20.46 32.44 12.24
CA VAL A 248 -21.48 33.43 12.60
C VAL A 248 -21.61 34.46 11.43
N VAL A 249 -22.84 34.58 10.95
CA VAL A 249 -23.16 35.17 9.68
C VAL A 249 -24.09 36.32 10.08
N PRO A 250 -23.74 37.58 9.70
CA PRO A 250 -24.70 38.68 9.90
C PRO A 250 -25.93 38.41 9.04
N SER A 251 -27.11 38.64 9.62
CA SER A 251 -28.39 38.38 8.91
C SER A 251 -28.48 39.04 7.55
N GLY A 252 -28.90 38.26 6.56
CA GLY A 252 -28.93 38.74 5.20
C GLY A 252 -27.73 38.31 4.37
N GLN A 253 -26.65 37.77 4.97
CA GLN A 253 -25.46 37.41 4.19
C GLN A 253 -25.25 35.90 3.95
N GLU A 254 -26.28 35.10 4.21
CA GLU A 254 -26.12 33.61 4.16
C GLU A 254 -25.62 33.07 2.81
N GLN A 255 -26.03 33.75 1.75
CA GLN A 255 -25.69 33.36 0.40
C GLN A 255 -24.22 33.63 -0.02
N ARG A 256 -23.52 34.49 0.73
CA ARG A 256 -22.07 34.69 0.52
C ARG A 256 -21.23 33.48 1.01
N TYR A 257 -21.81 32.63 1.85
CA TYR A 257 -21.02 31.59 2.56
C TYR A 257 -21.13 30.25 1.88
N THR A 258 -19.99 29.56 1.77
CA THR A 258 -19.98 28.22 1.21
C THR A 258 -19.21 27.30 2.16
N CYS A 259 -19.71 26.09 2.34
CA CYS A 259 -19.01 25.09 3.12
C CYS A 259 -18.39 24.10 2.15
N HIS A 260 -17.14 23.76 2.39
CA HIS A 260 -16.37 22.92 1.46
C HIS A 260 -15.96 21.61 2.12
N VAL A 261 -16.25 20.48 1.48
CA VAL A 261 -15.98 19.17 2.14
C VAL A 261 -15.08 18.31 1.27
N GLN A 262 -13.93 17.89 1.80
CA GLN A 262 -13.05 16.91 1.12
C GLN A 262 -12.88 15.66 1.97
N HIS A 263 -13.02 14.48 1.36
CA HIS A 263 -12.92 13.20 2.00
C HIS A 263 -12.66 12.23 0.85
N GLU A 264 -11.96 11.12 1.14
CA GLU A 264 -11.62 10.14 0.12
CA GLU A 264 -11.61 10.10 0.14
C GLU A 264 -12.86 9.47 -0.52
N GLY A 265 -13.99 9.50 0.18
CA GLY A 265 -15.26 8.99 -0.36
C GLY A 265 -15.94 9.82 -1.41
N LEU A 266 -15.56 11.10 -1.51
CA LEU A 266 -16.14 12.04 -2.44
C LEU A 266 -15.32 12.08 -3.75
N PRO A 267 -15.94 11.72 -4.89
CA PRO A 267 -15.21 11.82 -6.17
C PRO A 267 -14.70 13.26 -6.37
N LYS A 268 -15.58 14.23 -6.11
CA LYS A 268 -15.24 15.63 -6.18
C LYS A 268 -15.54 16.22 -4.79
N PRO A 269 -14.70 17.18 -4.35
CA PRO A 269 -15.09 17.96 -3.13
C PRO A 269 -16.46 18.66 -3.27
N LEU A 270 -17.19 18.73 -2.17
CA LEU A 270 -18.54 19.28 -2.16
C LEU A 270 -18.47 20.72 -1.76
N THR A 271 -19.33 21.49 -2.41
CA THR A 271 -19.59 22.83 -2.01
C THR A 271 -21.06 22.93 -1.61
N LEU A 272 -21.32 23.34 -0.37
CA LEU A 272 -22.67 23.51 0.14
C LEU A 272 -22.98 24.98 0.50
N ARG A 273 -24.25 25.36 0.30
CA ARG A 273 -24.65 26.76 0.50
C ARG A 273 -26.03 26.78 1.16
N TRP A 274 -26.23 27.62 2.17
CA TRP A 274 -27.58 27.89 2.69
C TRP A 274 -28.34 28.71 1.65
N GLU A 275 -29.40 28.16 1.08
CA GLU A 275 -30.18 28.95 0.10
C GLU A 275 -31.60 28.39 -0.08
N MET B 1 5.25 17.95 36.35
CA MET B 1 5.34 17.26 35.02
C MET B 1 4.18 17.68 34.14
N ILE B 2 4.21 17.24 32.88
CA ILE B 2 3.21 17.57 31.87
C ILE B 2 1.75 17.29 32.29
N GLN B 3 0.91 18.32 32.17
CA GLN B 3 -0.55 18.19 32.40
C GLN B 3 -1.33 18.85 31.27
N ARG B 4 -2.19 18.10 30.59
CA ARG B 4 -3.00 18.66 29.51
C ARG B 4 -4.49 18.48 29.77
N THR B 5 -5.25 19.57 29.57
CA THR B 5 -6.67 19.63 29.83
C THR B 5 -7.53 18.82 28.83
N PRO B 6 -8.51 18.02 29.31
CA PRO B 6 -9.34 17.32 28.28
C PRO B 6 -10.24 18.25 27.46
N LYS B 7 -10.28 18.07 26.14
CA LYS B 7 -11.34 18.71 25.37
C LYS B 7 -12.54 17.77 25.53
N ILE B 8 -13.76 18.30 25.51
CA ILE B 8 -14.93 17.50 25.83
C ILE B 8 -15.95 17.79 24.78
N GLN B 9 -16.48 16.75 24.17
CA GLN B 9 -17.64 16.93 23.26
C GLN B 9 -18.76 15.96 23.67
N VAL B 10 -20.02 16.44 23.73
CA VAL B 10 -21.15 15.63 24.10
C VAL B 10 -22.10 15.62 22.95
N TYR B 11 -22.56 14.45 22.54
CA TYR B 11 -23.31 14.39 21.28
C TYR B 11 -23.97 13.02 21.14
N SER B 12 -24.92 12.94 20.23
CA SER B 12 -25.53 11.68 19.93
C SER B 12 -24.87 11.00 18.71
N ARG B 13 -24.84 9.66 18.74
CA ARG B 13 -24.39 8.85 17.59
C ARG B 13 -25.13 9.18 16.29
N HIS B 14 -26.47 9.27 16.31
CA HIS B 14 -27.26 9.61 15.12
C HIS B 14 -27.93 10.94 15.44
N PRO B 15 -28.36 11.73 14.43
CA PRO B 15 -29.23 12.90 14.60
C PRO B 15 -30.38 12.57 15.53
N ALA B 16 -30.58 13.38 16.54
CA ALA B 16 -31.54 13.02 17.56
C ALA B 16 -32.93 13.31 17.08
N GLU B 17 -33.82 12.40 17.41
CA GLU B 17 -35.21 12.49 16.97
C GLU B 17 -35.95 11.96 18.15
N ASN B 18 -36.87 12.75 18.68
CA ASN B 18 -37.58 12.36 19.92
C ASN B 18 -38.34 11.04 19.79
N GLY B 19 -38.09 10.15 20.73
CA GLY B 19 -38.70 8.83 20.73
C GLY B 19 -37.95 7.76 19.98
N LYS B 20 -36.82 8.10 19.34
CA LYS B 20 -36.05 7.11 18.58
C LYS B 20 -34.76 6.71 19.30
N SER B 21 -34.43 5.40 19.32
CA SER B 21 -33.29 4.90 20.08
C SER B 21 -32.00 5.41 19.49
N ASN B 22 -31.00 5.63 20.36
CA ASN B 22 -29.78 6.32 19.96
C ASN B 22 -28.68 5.99 20.96
N PHE B 23 -27.50 6.58 20.77
CA PHE B 23 -26.51 6.53 21.81
C PHE B 23 -26.04 7.95 22.14
N LEU B 24 -25.86 8.20 23.43
CA LEU B 24 -25.24 9.41 23.90
C LEU B 24 -23.74 9.21 24.15
N ASN B 25 -22.92 10.08 23.59
CA ASN B 25 -21.47 9.99 23.64
C ASN B 25 -20.86 11.17 24.37
N CYS B 26 -19.86 10.88 25.20
CA CYS B 26 -18.99 11.94 25.67
C CYS B 26 -17.58 11.56 25.30
N TYR B 27 -17.01 12.34 24.40
CA TYR B 27 -15.68 12.07 23.87
C TYR B 27 -14.70 13.05 24.56
N VAL B 28 -13.75 12.55 25.31
CA VAL B 28 -12.68 13.36 25.96
C VAL B 28 -11.36 13.06 25.28
N SER B 29 -10.60 14.08 24.88
CA SER B 29 -9.33 13.86 24.19
C SER B 29 -8.33 14.91 24.59
N GLY B 30 -7.11 14.75 24.13
CA GLY B 30 -6.08 15.78 24.35
C GLY B 30 -5.54 15.87 25.75
N PHE B 31 -5.82 14.88 26.59
CA PHE B 31 -5.50 15.01 28.01
C PHE B 31 -4.30 14.20 28.50
N HIS B 32 -3.69 14.67 29.57
CA HIS B 32 -2.57 13.98 30.17
C HIS B 32 -2.43 14.48 31.61
N PRO B 33 -2.17 13.60 32.62
CA PRO B 33 -2.07 12.14 32.60
C PRO B 33 -3.45 11.46 32.38
N SER B 34 -3.48 10.13 32.49
CA SER B 34 -4.64 9.38 32.00
C SER B 34 -5.74 9.22 33.03
N ASP B 35 -5.46 9.46 34.33
CA ASP B 35 -6.54 9.42 35.32
C ASP B 35 -7.60 10.47 35.00
N ILE B 36 -8.83 10.02 34.86
CA ILE B 36 -9.91 10.92 34.43
C ILE B 36 -11.22 10.32 34.94
N GLU B 37 -12.15 11.16 35.34
CA GLU B 37 -13.47 10.64 35.73
C GLU B 37 -14.47 11.25 34.80
N VAL B 38 -15.37 10.45 34.26
CA VAL B 38 -16.31 10.95 33.24
C VAL B 38 -17.64 10.30 33.52
N ASP B 39 -18.66 11.12 33.69
CA ASP B 39 -20.00 10.61 33.89
C ASP B 39 -20.97 11.21 32.93
N LEU B 40 -21.93 10.41 32.49
CA LEU B 40 -23.06 10.95 31.78
C LEU B 40 -24.24 11.15 32.72
N LEU B 41 -24.94 12.28 32.55
CA LEU B 41 -26.02 12.67 33.46
C LEU B 41 -27.33 12.79 32.71
N LYS B 42 -28.40 12.30 33.31
CA LYS B 42 -29.73 12.43 32.76
C LYS B 42 -30.55 13.16 33.82
N ASN B 43 -31.04 14.34 33.45
CA ASN B 43 -31.65 15.33 34.36
C ASN B 43 -30.89 15.55 35.63
N GLY B 44 -29.58 15.72 35.46
CA GLY B 44 -28.66 15.93 36.58
C GLY B 44 -28.22 14.70 37.37
N GLU B 45 -28.70 13.51 37.05
CA GLU B 45 -28.45 12.29 37.84
C GLU B 45 -27.55 11.36 37.06
N ARG B 46 -26.61 10.73 37.78
CA ARG B 46 -25.61 9.87 37.18
C ARG B 46 -26.19 8.64 36.48
N ILE B 47 -25.92 8.49 35.19
CA ILE B 47 -26.33 7.29 34.48
C ILE B 47 -25.40 6.14 34.88
N GLU B 48 -25.99 5.02 35.33
CA GLU B 48 -25.26 3.86 35.90
C GLU B 48 -24.69 2.95 34.78
N LYS B 49 -25.45 2.80 33.70
CA LYS B 49 -25.14 1.90 32.55
C LYS B 49 -24.19 2.53 31.49
N VAL B 50 -22.93 2.82 31.86
CA VAL B 50 -22.09 3.62 30.94
C VAL B 50 -20.83 2.87 30.55
N GLU B 51 -20.59 2.67 29.27
CA GLU B 51 -19.40 1.95 28.89
C GLU B 51 -18.40 2.94 28.41
N HIS B 52 -17.17 2.48 28.24
CA HIS B 52 -16.16 3.31 27.59
C HIS B 52 -15.16 2.53 26.72
N SER B 53 -14.53 3.26 25.80
CA SER B 53 -13.56 2.64 24.91
C SER B 53 -12.26 2.38 25.70
N ASP B 54 -11.38 1.57 25.11
CA ASP B 54 -10.10 1.24 25.68
C ASP B 54 -9.14 2.44 25.54
N LEU B 55 -8.40 2.76 26.61
CA LEU B 55 -7.46 3.87 26.58
C LEU B 55 -6.48 3.86 25.40
N SER B 56 -6.47 4.95 24.65
CA SER B 56 -5.55 5.05 23.52
C SER B 56 -5.00 6.47 23.54
N PHE B 57 -4.14 6.80 22.60
CA PHE B 57 -3.58 8.14 22.58
C PHE B 57 -3.20 8.55 21.18
N SER B 58 -2.96 9.84 21.02
CA SER B 58 -2.70 10.43 19.72
C SER B 58 -1.21 10.51 19.43
N LYS B 59 -0.86 10.96 18.22
CA LYS B 59 0.52 11.16 17.78
C LYS B 59 1.33 12.02 18.78
N ASP B 60 0.69 13.03 19.39
CA ASP B 60 1.35 13.79 20.45
C ASP B 60 1.38 13.16 21.86
N TRP B 61 1.01 11.87 22.04
CA TRP B 61 0.95 11.13 23.34
C TRP B 61 -0.27 11.47 24.22
N SER B 62 -1.09 12.43 23.81
CA SER B 62 -2.23 12.80 24.65
C SER B 62 -3.38 11.76 24.49
N PHE B 63 -4.06 11.46 25.60
CA PHE B 63 -5.03 10.40 25.67
C PHE B 63 -6.38 10.79 25.11
N TYR B 64 -7.14 9.78 24.72
CA TYR B 64 -8.55 9.93 24.34
C TYR B 64 -9.37 8.72 24.73
N LEU B 65 -10.62 9.00 25.09
CA LEU B 65 -11.60 8.02 25.46
C LEU B 65 -13.02 8.43 24.99
N LEU B 66 -13.81 7.42 24.60
CA LEU B 66 -15.22 7.65 24.30
C LEU B 66 -16.08 7.00 25.39
N TYR B 67 -16.90 7.78 26.10
CA TYR B 67 -17.87 7.18 27.01
C TYR B 67 -19.23 7.16 26.30
N TYR B 68 -20.05 6.12 26.53
CA TYR B 68 -21.28 6.01 25.77
C TYR B 68 -22.34 5.21 26.48
N THR B 69 -23.60 5.50 26.17
CA THR B 69 -24.73 4.79 26.73
C THR B 69 -25.96 4.87 25.78
N GLU B 70 -26.78 3.82 25.74
CA GLU B 70 -28.03 3.87 24.97
C GLU B 70 -28.98 4.88 25.61
N PHE B 71 -29.66 5.65 24.77
CA PHE B 71 -30.72 6.53 25.25
C PHE B 71 -31.75 6.80 24.15
N THR B 72 -32.92 7.23 24.60
CA THR B 72 -33.95 7.68 23.72
C THR B 72 -34.24 9.12 24.06
N PRO B 73 -33.87 10.04 23.17
CA PRO B 73 -34.10 11.44 23.45
C PRO B 73 -35.58 11.81 23.44
N THR B 74 -35.94 12.86 24.17
CA THR B 74 -37.33 13.36 24.24
C THR B 74 -37.19 14.89 24.25
N GLU B 75 -38.29 15.62 24.10
CA GLU B 75 -38.26 17.09 24.18
C GLU B 75 -37.76 17.61 25.53
N LYS B 76 -38.18 16.95 26.61
CA LYS B 76 -38.01 17.38 27.97
C LYS B 76 -36.64 17.01 28.61
N ASP B 77 -36.15 15.80 28.36
CA ASP B 77 -35.02 15.25 29.13
C ASP B 77 -33.74 15.98 28.82
N GLU B 78 -32.98 16.29 29.87
CA GLU B 78 -31.71 16.90 29.70
C GLU B 78 -30.55 15.96 30.00
N TYR B 79 -29.54 16.06 29.14
CA TYR B 79 -28.38 15.26 29.22
C TYR B 79 -27.12 16.17 29.32
N ALA B 80 -26.08 15.66 29.97
CA ALA B 80 -24.81 16.38 30.20
C ALA B 80 -23.67 15.38 30.40
N CYS B 81 -22.41 15.82 30.21
CA CYS B 81 -21.28 15.01 30.51
C CYS B 81 -20.51 15.79 31.58
N ARG B 82 -20.07 15.10 32.64
CA ARG B 82 -19.33 15.73 33.73
C ARG B 82 -17.95 15.10 33.83
N VAL B 83 -16.92 15.92 33.68
CA VAL B 83 -15.54 15.43 33.58
C VAL B 83 -14.69 15.96 34.74
N ASN B 84 -13.90 15.11 35.39
CA ASN B 84 -12.90 15.68 36.29
C ASN B 84 -11.52 15.20 35.97
N HIS B 85 -10.53 16.03 36.23
CA HIS B 85 -9.13 15.76 35.81
C HIS B 85 -8.28 16.70 36.65
N VAL B 86 -7.01 16.36 36.78
CA VAL B 86 -6.06 17.15 37.54
C VAL B 86 -5.89 18.59 37.03
N THR B 87 -6.16 18.85 35.75
CA THR B 87 -6.03 20.20 35.22
C THR B 87 -7.28 21.07 35.48
N LEU B 88 -8.34 20.51 36.03
CA LEU B 88 -9.59 21.24 36.26
C LEU B 88 -9.70 21.53 37.75
N SER B 89 -9.96 22.77 38.11
CA SER B 89 -10.04 23.11 39.53
C SER B 89 -11.37 22.62 40.12
N GLN B 90 -12.33 22.33 39.25
CA GLN B 90 -13.57 21.66 39.63
C GLN B 90 -14.14 20.94 38.38
N PRO B 91 -14.98 19.87 38.60
CA PRO B 91 -15.63 19.12 37.49
C PRO B 91 -16.26 20.05 36.46
N LYS B 92 -16.07 19.76 35.18
CA LYS B 92 -16.53 20.62 34.10
C LYS B 92 -17.76 19.89 33.57
N ILE B 93 -18.91 20.57 33.53
CA ILE B 93 -20.15 20.00 33.03
C ILE B 93 -20.41 20.59 31.64
N VAL B 94 -20.50 19.73 30.62
CA VAL B 94 -20.91 20.20 29.29
C VAL B 94 -22.32 19.65 28.98
N LYS B 95 -23.28 20.50 28.68
CA LYS B 95 -24.65 20.05 28.37
C LYS B 95 -24.74 19.52 26.93
N TRP B 96 -25.57 18.49 26.71
CA TRP B 96 -25.81 18.02 25.38
C TRP B 96 -26.70 19.05 24.71
N ASP B 97 -26.31 19.45 23.52
CA ASP B 97 -27.14 20.31 22.66
C ASP B 97 -27.34 19.51 21.37
N ARG B 98 -28.58 19.27 20.95
CA ARG B 98 -28.77 18.40 19.75
C ARG B 98 -28.21 18.95 18.42
N ASP B 99 -27.96 20.27 18.32
CA ASP B 99 -27.25 20.75 17.11
CA ASP B 99 -27.32 20.91 17.18
C ASP B 99 -25.76 21.02 17.33
N MET B 100 -25.14 20.24 18.22
CA MET B 100 -23.68 20.26 18.46
C MET B 100 -23.03 18.82 18.61
N ARG C 1 -0.66 -8.45 14.37
CA ARG C 1 0.19 -9.31 15.25
C ARG C 1 1.36 -8.47 15.82
N MET C 2 1.55 -8.55 17.14
CA MET C 2 2.60 -7.75 17.84
C MET C 2 4.03 -8.22 17.57
N PHE C 3 4.99 -7.32 17.75
CA PHE C 3 6.40 -7.64 17.95
C PHE C 3 6.53 -8.52 19.20
N PRO C 4 7.44 -9.53 19.17
CA PRO C 4 7.53 -10.48 20.28
C PRO C 4 7.91 -9.88 21.63
N ASN C 5 8.73 -8.81 21.64
CA ASN C 5 9.36 -8.25 22.87
C ASN C 5 9.12 -6.75 23.12
N ALA C 6 9.08 -6.39 24.39
CA ALA C 6 9.40 -5.01 24.72
C ALA C 6 10.85 -5.00 25.30
N PRO C 7 11.79 -4.34 24.59
CA PRO C 7 13.22 -4.23 25.02
C PRO C 7 13.26 -3.39 26.30
N TYR C 8 13.97 -3.81 27.33
CA TYR C 8 14.10 -2.98 28.54
C TYR C 8 14.73 -1.61 28.25
N LEU C 9 14.10 -0.56 28.76
CA LEU C 9 14.67 0.79 28.83
C LEU C 9 15.92 0.90 29.69
N GLY D 1 2.63 -15.35 -0.72
CA GLY D 1 1.96 -14.04 -0.43
C GLY D 1 0.85 -13.85 -1.47
N SER D 2 0.80 -12.64 -2.05
CA SER D 2 -0.13 -12.22 -3.09
C SER D 2 0.16 -12.94 -4.41
N HIS D 3 -0.85 -13.18 -5.25
CA HIS D 3 -0.63 -13.70 -6.61
C HIS D 3 -1.47 -13.01 -7.68
N SER D 4 -1.11 -13.17 -8.95
CA SER D 4 -1.86 -12.54 -10.03
C SER D 4 -1.91 -13.37 -11.28
N MET D 5 -2.99 -13.28 -12.03
CA MET D 5 -3.07 -13.85 -13.35
C MET D 5 -3.36 -12.69 -14.25
N ARG D 6 -2.64 -12.59 -15.36
CA ARG D 6 -2.90 -11.52 -16.31
C ARG D 6 -2.77 -11.97 -17.77
N TYR D 7 -3.61 -11.39 -18.62
CA TYR D 7 -3.54 -11.58 -20.06
C TYR D 7 -3.24 -10.26 -20.76
N PHE D 8 -2.35 -10.29 -21.73
CA PHE D 8 -1.81 -9.09 -22.39
C PHE D 8 -2.00 -9.34 -23.91
N PHE D 9 -2.59 -8.39 -24.63
CA PHE D 9 -2.95 -8.56 -26.02
C PHE D 9 -2.49 -7.34 -26.79
N THR D 10 -1.84 -7.55 -27.92
CA THR D 10 -1.32 -6.48 -28.75
C THR D 10 -1.77 -6.74 -30.17
N SER D 11 -2.44 -5.76 -30.75
CA SER D 11 -2.89 -5.81 -32.11
C SER D 11 -2.26 -4.62 -32.84
N VAL D 12 -1.57 -4.88 -33.95
CA VAL D 12 -0.87 -3.83 -34.70
C VAL D 12 -1.27 -3.82 -36.16
N SER D 13 -1.86 -2.72 -36.63
CA SER D 13 -2.15 -2.69 -38.08
C SER D 13 -0.87 -2.48 -38.89
N ARG D 14 -0.92 -3.01 -40.09
CA ARG D 14 0.11 -2.79 -41.07
C ARG D 14 -0.62 -2.67 -42.43
N PRO D 15 -1.18 -1.47 -42.72
CA PRO D 15 -2.03 -1.31 -43.91
C PRO D 15 -1.17 -1.46 -45.11
N GLY D 16 -1.64 -2.28 -46.05
CA GLY D 16 -0.88 -2.56 -47.27
C GLY D 16 -0.02 -3.82 -47.16
N ARG D 17 0.39 -4.17 -45.93
CA ARG D 17 1.19 -5.37 -45.67
C ARG D 17 0.37 -6.51 -45.05
N GLY D 18 -0.92 -6.57 -45.37
CA GLY D 18 -1.76 -7.69 -44.92
C GLY D 18 -2.48 -7.40 -43.64
N GLU D 19 -3.05 -8.43 -43.02
CA GLU D 19 -3.94 -8.29 -41.88
C GLU D 19 -3.19 -7.90 -40.61
N PRO D 20 -3.84 -7.19 -39.65
CA PRO D 20 -3.12 -6.80 -38.42
C PRO D 20 -2.47 -7.97 -37.66
N ARG D 21 -1.30 -7.73 -37.10
CA ARG D 21 -0.59 -8.73 -36.28
C ARG D 21 -1.29 -8.77 -34.95
N PHE D 22 -1.56 -9.96 -34.42
CA PHE D 22 -2.18 -10.13 -33.09
C PHE D 22 -1.38 -11.07 -32.25
N ILE D 23 -0.91 -10.59 -31.10
CA ILE D 23 -0.17 -11.43 -30.12
C ILE D 23 -0.84 -11.42 -28.74
N ALA D 24 -1.04 -12.61 -28.16
CA ALA D 24 -1.67 -12.78 -26.86
C ALA D 24 -0.71 -13.54 -26.00
N VAL D 25 -0.52 -13.13 -24.74
CA VAL D 25 0.27 -13.87 -23.75
C VAL D 25 -0.46 -13.87 -22.42
N GLY D 26 -0.24 -14.94 -21.65
CA GLY D 26 -0.85 -15.07 -20.32
C GLY D 26 0.26 -15.31 -19.31
N TYR D 27 0.15 -14.74 -18.09
CA TYR D 27 1.14 -14.87 -17.04
C TYR D 27 0.46 -15.28 -15.75
N VAL D 28 1.08 -16.15 -14.97
CA VAL D 28 0.77 -16.17 -13.58
C VAL D 28 1.96 -15.60 -12.86
N ASP D 29 1.76 -14.54 -12.03
CA ASP D 29 2.84 -13.78 -11.35
C ASP D 29 3.87 -13.44 -12.43
N ASP D 30 5.10 -13.92 -12.26
CA ASP D 30 6.16 -13.54 -13.23
C ASP D 30 6.47 -14.63 -14.25
N THR D 31 5.56 -15.58 -14.41
CA THR D 31 5.84 -16.74 -15.23
C THR D 31 4.82 -16.78 -16.36
N GLN D 32 5.30 -16.77 -17.60
CA GLN D 32 4.43 -16.81 -18.78
C GLN D 32 3.95 -18.22 -18.91
N PHE D 33 2.68 -18.44 -19.30
CA PHE D 33 2.24 -19.79 -19.46
C PHE D 33 1.55 -20.12 -20.76
N VAL D 34 0.98 -19.10 -21.45
CA VAL D 34 0.44 -19.30 -22.81
C VAL D 34 0.78 -18.19 -23.80
N ARG D 35 0.65 -18.49 -25.08
CA ARG D 35 0.86 -17.53 -26.12
C ARG D 35 -0.06 -17.84 -27.32
N PHE D 36 -0.35 -16.82 -28.12
CA PHE D 36 -0.92 -16.97 -29.44
C PHE D 36 -0.29 -15.91 -30.33
N ASP D 37 0.13 -16.31 -31.53
CA ASP D 37 0.64 -15.35 -32.48
C ASP D 37 -0.12 -15.57 -33.77
N SER D 38 -0.80 -14.52 -34.28
CA SER D 38 -1.60 -14.60 -35.49
C SER D 38 -0.77 -14.93 -36.71
N ASP D 39 0.53 -14.63 -36.67
CA ASP D 39 1.40 -14.91 -37.81
C ASP D 39 1.98 -16.31 -37.85
N ALA D 40 1.96 -17.03 -36.73
CA ALA D 40 2.55 -18.35 -36.70
C ALA D 40 1.67 -19.44 -37.37
N ALA D 41 2.31 -20.58 -37.64
CA ALA D 41 1.77 -21.72 -38.37
C ALA D 41 0.53 -22.35 -37.74
N SER D 42 0.57 -22.52 -36.41
CA SER D 42 -0.38 -23.43 -35.75
C SER D 42 -1.79 -22.90 -35.65
N GLN D 43 -1.93 -21.57 -35.47
CA GLN D 43 -3.22 -20.90 -35.27
C GLN D 43 -3.91 -21.46 -34.02
N ARG D 44 -3.11 -21.77 -32.98
CA ARG D 44 -3.59 -22.33 -31.73
C ARG D 44 -2.97 -21.59 -30.58
N MET D 45 -3.70 -21.45 -29.47
CA MET D 45 -3.12 -21.09 -28.20
C MET D 45 -2.15 -22.23 -27.81
N GLU D 46 -0.95 -21.90 -27.37
CA GLU D 46 0.11 -22.89 -27.14
C GLU D 46 0.68 -22.75 -25.73
N PRO D 47 1.12 -23.86 -25.10
CA PRO D 47 1.59 -23.75 -23.75
C PRO D 47 3.01 -23.17 -23.75
N ARG D 48 3.37 -22.43 -22.72
CA ARG D 48 4.78 -21.92 -22.60
C ARG D 48 5.35 -22.22 -21.24
N ALA D 49 4.64 -23.07 -20.50
CA ALA D 49 5.10 -23.53 -19.18
C ALA D 49 4.80 -25.03 -19.07
N PRO D 50 5.68 -25.81 -18.38
CA PRO D 50 5.37 -27.26 -18.30
C PRO D 50 4.06 -27.61 -17.59
N TRP D 51 3.68 -26.82 -16.59
CA TRP D 51 2.56 -27.15 -15.74
C TRP D 51 1.15 -26.96 -16.41
N ILE D 52 1.08 -26.12 -17.45
CA ILE D 52 -0.15 -25.98 -18.27
C ILE D 52 -0.26 -27.01 -19.41
N GLU D 53 0.85 -27.67 -19.79
CA GLU D 53 0.79 -28.73 -20.79
C GLU D 53 -0.09 -29.90 -20.36
N GLN D 54 -0.34 -30.05 -19.04
CA GLN D 54 -1.25 -31.12 -18.57
C GLN D 54 -2.73 -30.85 -18.89
N GLU D 55 -3.10 -29.60 -19.23
CA GLU D 55 -4.53 -29.34 -19.55
C GLU D 55 -4.90 -30.09 -20.83
N GLY D 56 -6.11 -30.60 -20.88
CA GLY D 56 -6.47 -31.44 -22.00
C GLY D 56 -7.02 -30.63 -23.17
N PRO D 57 -7.40 -31.34 -24.25
CA PRO D 57 -7.93 -30.73 -25.48
C PRO D 57 -9.14 -29.78 -25.29
N GLU D 58 -10.00 -29.98 -24.30
CA GLU D 58 -11.12 -29.03 -24.05
C GLU D 58 -10.58 -27.62 -23.77
N TYR D 59 -9.59 -27.58 -22.88
CA TYR D 59 -8.90 -26.35 -22.55
C TYR D 59 -8.25 -25.70 -23.77
N TRP D 60 -7.42 -26.44 -24.48
CA TRP D 60 -6.71 -25.87 -25.64
C TRP D 60 -7.63 -25.42 -26.75
N ASP D 61 -8.65 -26.24 -27.06
CA ASP D 61 -9.64 -25.90 -28.07
C ASP D 61 -10.42 -24.62 -27.68
N GLY D 62 -10.85 -24.55 -26.42
CA GLY D 62 -11.60 -23.38 -25.88
C GLY D 62 -10.76 -22.13 -25.85
N GLU D 63 -9.50 -22.25 -25.42
CA GLU D 63 -8.67 -21.07 -25.42
C GLU D 63 -8.31 -20.62 -26.85
N THR D 64 -8.14 -21.56 -27.77
CA THR D 64 -7.88 -21.21 -29.19
C THR D 64 -9.07 -20.47 -29.83
N ARG D 65 -10.30 -20.97 -29.63
CA ARG D 65 -11.51 -20.30 -30.14
C ARG D 65 -11.65 -18.85 -29.69
N LYS D 66 -11.43 -18.60 -28.40
CA LYS D 66 -11.55 -17.24 -27.86
C LYS D 66 -10.52 -16.31 -28.47
N VAL D 67 -9.26 -16.79 -28.51
CA VAL D 67 -8.15 -15.97 -28.96
C VAL D 67 -8.20 -15.62 -30.48
N LYS D 68 -8.73 -16.53 -31.29
CA LYS D 68 -8.95 -16.27 -32.71
C LYS D 68 -10.10 -15.28 -32.88
N ALA D 69 -11.09 -15.33 -31.99
CA ALA D 69 -12.23 -14.40 -32.01
C ALA D 69 -11.73 -13.02 -31.66
N HIS D 70 -10.90 -12.89 -30.62
CA HIS D 70 -10.32 -11.61 -30.19
C HIS D 70 -9.50 -10.92 -31.28
N SER D 71 -8.67 -11.72 -31.94
CA SER D 71 -7.93 -11.36 -33.12
C SER D 71 -8.83 -10.61 -34.11
N GLN D 72 -9.99 -11.19 -34.43
CA GLN D 72 -10.98 -10.56 -35.28
C GLN D 72 -11.60 -9.30 -34.68
N THR D 73 -11.96 -9.31 -33.40
CA THR D 73 -12.58 -8.10 -32.88
C THR D 73 -11.58 -6.94 -32.78
N HIS D 74 -10.31 -7.23 -32.50
CA HIS D 74 -9.32 -6.17 -32.57
C HIS D 74 -9.02 -5.65 -33.98
N ARG D 75 -9.24 -6.45 -35.03
CA ARG D 75 -9.16 -5.89 -36.41
C ARG D 75 -10.24 -4.86 -36.63
N VAL D 76 -11.44 -5.17 -36.14
CA VAL D 76 -12.55 -4.23 -36.20
C VAL D 76 -12.22 -2.95 -35.41
N ASP D 77 -11.72 -3.10 -34.18
CA ASP D 77 -11.34 -1.97 -33.29
C ASP D 77 -10.35 -1.01 -33.87
N LEU D 78 -9.36 -1.55 -34.61
CA LEU D 78 -8.41 -0.74 -35.34
C LEU D 78 -9.09 0.23 -36.31
N GLY D 79 -10.01 -0.25 -37.15
CA GLY D 79 -10.82 0.60 -37.97
C GLY D 79 -11.68 1.60 -37.21
N THR D 80 -12.26 1.14 -36.12
CA THR D 80 -13.17 1.95 -35.31
C THR D 80 -12.40 3.15 -34.76
N LEU D 81 -11.23 2.90 -34.21
CA LEU D 81 -10.42 3.97 -33.64
C LEU D 81 -9.83 4.93 -34.65
N ARG D 82 -9.44 4.40 -35.80
CA ARG D 82 -9.07 5.21 -36.95
C ARG D 82 -10.17 6.24 -37.30
N GLY D 83 -11.43 5.77 -37.36
CA GLY D 83 -12.63 6.61 -37.51
C GLY D 83 -12.79 7.61 -36.37
N TYR D 84 -12.65 7.18 -35.11
CA TYR D 84 -12.83 8.08 -33.96
C TYR D 84 -11.87 9.26 -33.93
N TYR D 85 -10.62 8.97 -34.30
CA TYR D 85 -9.58 9.96 -34.21
C TYR D 85 -9.28 10.67 -35.53
N ASN D 86 -10.09 10.37 -36.56
CA ASN D 86 -9.94 10.89 -37.94
CA ASN D 86 -9.95 10.90 -37.93
C ASN D 86 -8.52 10.73 -38.48
N GLN D 87 -8.02 9.52 -38.39
CA GLN D 87 -6.67 9.20 -38.85
C GLN D 87 -6.73 8.58 -40.23
N SER D 88 -5.62 8.71 -40.95
CA SER D 88 -5.52 8.25 -42.32
C SER D 88 -5.45 6.73 -42.37
N GLU D 89 -5.69 6.19 -43.57
CA GLU D 89 -5.77 4.74 -43.74
C GLU D 89 -4.37 4.11 -43.79
N ALA D 90 -3.37 4.97 -43.96
CA ALA D 90 -1.98 4.62 -44.18
C ALA D 90 -1.28 4.12 -42.93
N GLY D 91 -1.46 4.83 -41.81
CA GLY D 91 -0.57 4.68 -40.66
C GLY D 91 -0.70 3.35 -39.94
N SER D 92 0.41 2.87 -39.40
CA SER D 92 0.38 1.74 -38.51
C SER D 92 -0.03 2.19 -37.10
N HIS D 93 -1.04 1.52 -36.54
CA HIS D 93 -1.52 1.81 -35.18
C HIS D 93 -1.53 0.63 -34.25
N THR D 94 -1.55 0.92 -32.93
CA THR D 94 -1.46 -0.10 -31.90
C THR D 94 -2.62 -0.07 -30.89
N VAL D 95 -3.33 -1.19 -30.80
CA VAL D 95 -4.25 -1.46 -29.70
C VAL D 95 -3.66 -2.46 -28.72
N GLN D 96 -3.75 -2.15 -27.44
CA GLN D 96 -3.31 -3.05 -26.40
C GLN D 96 -4.40 -3.23 -25.41
N ARG D 97 -4.53 -4.44 -24.89
CA ARG D 97 -5.53 -4.78 -23.87
C ARG D 97 -4.85 -5.60 -22.77
N MET D 98 -5.18 -5.29 -21.53
CA MET D 98 -4.67 -6.10 -20.45
C MET D 98 -5.81 -6.32 -19.48
N TYR D 99 -5.94 -7.54 -18.99
CA TYR D 99 -6.84 -7.82 -17.87
C TYR D 99 -6.33 -8.94 -16.99
N GLY D 100 -6.91 -9.00 -15.79
CA GLY D 100 -6.81 -10.16 -14.92
C GLY D 100 -7.08 -9.76 -13.49
N CYS D 101 -6.63 -10.58 -12.55
CA CYS D 101 -6.99 -10.46 -11.17
C CYS D 101 -5.77 -10.63 -10.21
N ASP D 102 -5.84 -9.98 -9.05
CA ASP D 102 -4.91 -10.33 -7.94
C ASP D 102 -5.65 -11.03 -6.82
N VAL D 103 -4.98 -11.97 -6.16
CA VAL D 103 -5.51 -12.58 -4.97
C VAL D 103 -4.57 -12.21 -3.86
N GLY D 104 -5.11 -12.06 -2.66
CA GLY D 104 -4.29 -11.87 -1.48
C GLY D 104 -3.65 -13.16 -1.01
N SER D 105 -3.05 -13.09 0.17
CA SER D 105 -2.54 -14.25 0.88
C SER D 105 -3.58 -15.32 1.27
N ASP D 106 -4.86 -14.91 1.35
CA ASP D 106 -5.96 -15.86 1.56
C ASP D 106 -6.38 -16.59 0.25
N TRP D 107 -5.74 -16.20 -0.86
CA TRP D 107 -6.08 -16.55 -2.25
C TRP D 107 -7.54 -16.17 -2.61
N ARG D 108 -8.11 -15.21 -1.89
CA ARG D 108 -9.39 -14.67 -2.25
C ARG D 108 -9.15 -13.41 -3.05
N PHE D 109 -10.11 -13.04 -3.89
CA PHE D 109 -10.06 -11.87 -4.74
C PHE D 109 -9.56 -10.60 -4.02
N LEU D 110 -8.65 -9.91 -4.67
CA LEU D 110 -8.15 -8.69 -4.12
C LEU D 110 -8.44 -7.53 -5.06
N ARG D 111 -8.11 -7.66 -6.35
CA ARG D 111 -8.42 -6.58 -7.31
C ARG D 111 -8.50 -7.13 -8.74
N GLY D 112 -9.13 -6.37 -9.63
CA GLY D 112 -9.39 -6.81 -10.99
C GLY D 112 -9.10 -5.62 -11.88
N TYR D 113 -8.74 -5.89 -13.13
CA TYR D 113 -8.31 -4.86 -14.05
C TYR D 113 -8.84 -5.28 -15.36
N HIS D 114 -9.13 -4.30 -16.21
CA HIS D 114 -9.41 -4.56 -17.59
C HIS D 114 -9.28 -3.18 -18.27
N GLN D 115 -8.24 -2.98 -19.10
CA GLN D 115 -7.75 -1.67 -19.51
C GLN D 115 -7.30 -1.77 -20.93
N TYR D 116 -7.45 -0.71 -21.70
CA TYR D 116 -6.89 -0.65 -23.05
C TYR D 116 -6.06 0.59 -23.19
N ALA D 117 -5.09 0.52 -24.10
CA ALA D 117 -4.35 1.67 -24.58
C ALA D 117 -4.42 1.71 -26.08
N TYR D 118 -4.33 2.90 -26.62
CA TYR D 118 -4.27 3.11 -28.09
C TYR D 118 -3.03 3.94 -28.35
N ASP D 119 -2.16 3.42 -29.23
CA ASP D 119 -0.86 4.04 -29.52
C ASP D 119 -0.09 4.45 -28.28
N GLY D 120 -0.10 3.54 -27.29
CA GLY D 120 0.71 3.67 -26.09
C GLY D 120 0.19 4.57 -25.02
N LYS D 121 -1.03 5.06 -25.22
CA LYS D 121 -1.66 5.97 -24.29
C LYS D 121 -2.91 5.31 -23.69
N ASP D 122 -3.11 5.43 -22.37
CA ASP D 122 -4.41 5.06 -21.71
C ASP D 122 -5.61 5.45 -22.55
N TYR D 123 -6.47 4.48 -22.85
CA TYR D 123 -7.66 4.74 -23.66
C TYR D 123 -8.88 4.60 -22.75
N ILE D 124 -9.13 3.39 -22.21
CA ILE D 124 -10.26 3.14 -21.35
C ILE D 124 -9.89 2.11 -20.29
N ALA D 125 -10.35 2.30 -19.07
CA ALA D 125 -9.91 1.41 -18.01
C ALA D 125 -11.08 1.16 -17.08
N LEU D 126 -11.26 -0.09 -16.67
CA LEU D 126 -12.23 -0.40 -15.63
C LEU D 126 -11.71 0.08 -14.29
N LYS D 127 -12.55 0.78 -13.52
CA LYS D 127 -12.13 1.25 -12.18
C LYS D 127 -12.15 0.12 -11.19
N GLU D 128 -11.56 0.36 -10.02
CA GLU D 128 -11.38 -0.64 -8.94
C GLU D 128 -12.65 -1.27 -8.45
N ASP D 129 -13.74 -0.47 -8.41
CA ASP D 129 -15.04 -0.97 -8.00
C ASP D 129 -15.68 -1.99 -8.93
N LEU D 130 -15.12 -2.10 -10.14
CA LEU D 130 -15.54 -3.00 -11.21
C LEU D 130 -16.96 -2.75 -11.70
N ARG D 131 -17.38 -1.50 -11.61
CA ARG D 131 -18.70 -1.06 -12.02
C ARG D 131 -18.64 0.14 -12.97
N SER D 132 -17.52 0.86 -13.00
CA SER D 132 -17.45 2.09 -13.78
C SER D 132 -16.17 2.20 -14.60
N TRP D 133 -16.15 3.12 -15.54
CA TRP D 133 -15.11 3.24 -16.53
C TRP D 133 -14.41 4.59 -16.41
N THR D 134 -13.10 4.64 -16.59
CA THR D 134 -12.38 5.90 -16.82
C THR D 134 -12.07 6.02 -18.30
N ALA D 135 -12.55 7.09 -18.91
CA ALA D 135 -12.38 7.34 -20.32
C ALA D 135 -11.48 8.57 -20.54
N ALA D 136 -10.41 8.40 -21.33
CA ALA D 136 -9.32 9.36 -21.42
C ALA D 136 -9.63 10.60 -22.27
N ASP D 137 -10.70 10.55 -23.07
CA ASP D 137 -11.10 11.62 -23.99
C ASP D 137 -12.47 11.37 -24.56
N MET D 138 -12.78 12.12 -25.63
CA MET D 138 -14.08 12.03 -26.32
C MET D 138 -14.30 10.68 -26.97
N ALA D 139 -13.28 10.17 -27.64
CA ALA D 139 -13.39 8.88 -28.34
C ALA D 139 -13.61 7.76 -27.36
N ALA D 140 -12.87 7.80 -26.26
CA ALA D 140 -13.03 6.81 -25.23
C ALA D 140 -14.40 6.90 -24.53
N GLN D 141 -14.95 8.12 -24.36
CA GLN D 141 -16.29 8.27 -23.79
C GLN D 141 -17.37 7.63 -24.71
N THR D 142 -17.14 7.65 -26.03
CA THR D 142 -17.98 6.92 -26.99
C THR D 142 -17.95 5.42 -26.74
N THR D 143 -16.76 4.87 -26.49
CA THR D 143 -16.60 3.45 -26.21
C THR D 143 -17.29 3.16 -24.88
N LYS D 144 -17.02 4.00 -23.88
CA LYS D 144 -17.68 3.90 -22.57
C LYS D 144 -19.23 3.76 -22.64
N HIS D 145 -19.86 4.62 -23.45
CA HIS D 145 -21.33 4.56 -23.64
C HIS D 145 -21.80 3.26 -24.21
N LYS D 146 -21.05 2.71 -25.17
CA LYS D 146 -21.33 1.34 -25.70
C LYS D 146 -21.28 0.27 -24.61
N TRP D 147 -20.25 0.37 -23.77
CA TRP D 147 -20.00 -0.66 -22.78
C TRP D 147 -21.01 -0.60 -21.63
N GLU D 148 -21.51 0.60 -21.36
CA GLU D 148 -22.50 0.78 -20.31
C GLU D 148 -23.83 0.20 -20.78
N ALA D 149 -24.16 0.44 -22.06
CA ALA D 149 -25.43 -0.09 -22.63
C ALA D 149 -25.41 -1.61 -22.81
N ALA D 150 -24.24 -2.19 -23.10
CA ALA D 150 -24.10 -3.64 -23.20
C ALA D 150 -23.80 -4.36 -21.88
N HIS D 151 -23.74 -3.61 -20.78
CA HIS D 151 -23.40 -4.10 -19.43
C HIS D 151 -22.06 -4.85 -19.36
N VAL D 152 -21.07 -4.30 -20.02
CA VAL D 152 -19.77 -4.96 -20.16
C VAL D 152 -19.07 -5.11 -18.79
N ALA D 153 -19.14 -4.06 -17.96
CA ALA D 153 -18.58 -4.09 -16.58
C ALA D 153 -19.16 -5.21 -15.70
N GLU D 154 -20.47 -5.46 -15.80
CA GLU D 154 -21.12 -6.53 -15.02
C GLU D 154 -20.59 -7.90 -15.40
N GLN D 155 -20.37 -8.12 -16.70
CA GLN D 155 -19.80 -9.38 -17.16
C GLN D 155 -18.36 -9.54 -16.73
N LEU D 156 -17.59 -8.48 -16.85
CA LEU D 156 -16.21 -8.49 -16.41
C LEU D 156 -16.06 -8.73 -14.88
N ARG D 157 -16.90 -8.08 -14.07
CA ARG D 157 -16.89 -8.25 -12.61
C ARG D 157 -17.13 -9.70 -12.20
N ALA D 158 -18.15 -10.34 -12.76
CA ALA D 158 -18.39 -11.78 -12.55
C ALA D 158 -17.23 -12.65 -12.99
N TYR D 159 -16.55 -12.34 -14.10
CA TYR D 159 -15.34 -13.11 -14.44
C TYR D 159 -14.19 -12.82 -13.46
N LEU D 160 -13.91 -11.53 -13.23
CA LEU D 160 -12.76 -11.09 -12.39
C LEU D 160 -12.84 -11.64 -10.96
N GLU D 161 -14.05 -11.71 -10.40
CA GLU D 161 -14.27 -12.23 -9.06
C GLU D 161 -14.51 -13.73 -8.99
N GLY D 162 -14.97 -14.36 -10.06
CA GLY D 162 -15.23 -15.79 -9.99
C GLY D 162 -14.12 -16.53 -10.72
N THR D 163 -14.42 -16.89 -11.97
CA THR D 163 -13.58 -17.67 -12.89
C THR D 163 -12.09 -17.36 -12.87
N CYS D 164 -11.72 -16.07 -12.91
CA CYS D 164 -10.32 -15.68 -12.94
C CYS D 164 -9.61 -16.18 -11.67
N VAL D 165 -10.21 -15.89 -10.52
CA VAL D 165 -9.72 -16.27 -9.21
C VAL D 165 -9.67 -17.79 -9.06
N GLU D 166 -10.70 -18.49 -9.54
CA GLU D 166 -10.74 -19.97 -9.52
C GLU D 166 -9.65 -20.62 -10.37
N TRP D 167 -9.44 -20.10 -11.59
CA TRP D 167 -8.39 -20.62 -12.47
C TRP D 167 -6.98 -20.27 -11.97
N LEU D 168 -6.80 -19.08 -11.41
CA LEU D 168 -5.51 -18.72 -10.82
C LEU D 168 -5.17 -19.68 -9.67
N ARG D 169 -6.14 -19.92 -8.76
CA ARG D 169 -5.97 -20.95 -7.73
C ARG D 169 -5.60 -22.32 -8.31
N ARG D 170 -6.30 -22.77 -9.36
CA ARG D 170 -5.94 -24.05 -9.97
C ARG D 170 -4.51 -24.10 -10.58
N TYR D 171 -4.11 -23.02 -11.25
CA TYR D 171 -2.76 -22.96 -11.83
C TYR D 171 -1.69 -22.99 -10.74
N LEU D 172 -1.95 -22.24 -9.67
CA LEU D 172 -1.06 -22.22 -8.50
C LEU D 172 -0.87 -23.62 -7.91
N GLU D 173 -1.93 -24.42 -7.88
CA GLU D 173 -1.82 -25.76 -7.31
C GLU D 173 -1.12 -26.73 -8.25
N ASN D 174 -1.55 -26.73 -9.51
CA ASN D 174 -1.01 -27.62 -10.57
C ASN D 174 0.41 -27.21 -10.92
N GLY D 175 0.72 -25.90 -10.87
CA GLY D 175 2.11 -25.48 -11.03
C GLY D 175 2.90 -25.12 -9.80
N LYS D 176 2.53 -25.73 -8.67
CA LYS D 176 3.14 -25.55 -7.35
C LYS D 176 4.68 -25.46 -7.29
N GLU D 177 5.37 -26.36 -7.98
CA GLU D 177 6.83 -26.41 -7.94
C GLU D 177 7.48 -25.18 -8.58
N THR D 178 6.81 -24.61 -9.60
CA THR D 178 7.24 -23.39 -10.32
C THR D 178 6.67 -22.16 -9.62
N LEU D 179 5.38 -22.17 -9.33
CA LEU D 179 4.70 -20.93 -8.94
C LEU D 179 4.72 -20.64 -7.46
N GLN D 180 4.82 -21.66 -6.62
CA GLN D 180 4.78 -21.37 -5.21
C GLN D 180 6.21 -21.35 -4.62
N ARG D 181 7.22 -21.29 -5.49
CA ARG D 181 8.60 -21.30 -5.08
C ARG D 181 9.10 -19.90 -4.80
N THR D 182 10.10 -19.81 -3.93
CA THR D 182 10.88 -18.61 -3.83
CA THR D 182 10.89 -18.58 -3.80
C THR D 182 12.35 -18.98 -3.91
N ASP D 183 13.03 -18.48 -4.94
CA ASP D 183 14.47 -18.69 -5.11
C ASP D 183 15.16 -17.42 -4.64
N ALA D 184 15.90 -17.54 -3.54
CA ALA D 184 16.67 -16.46 -2.98
C ALA D 184 17.75 -16.08 -3.99
N PRO D 185 18.08 -14.79 -4.13
CA PRO D 185 19.21 -14.45 -5.00
C PRO D 185 20.53 -15.08 -4.55
N LYS D 186 21.32 -15.54 -5.52
CA LYS D 186 22.73 -15.84 -5.24
C LYS D 186 23.49 -14.52 -5.46
N THR D 187 24.23 -14.11 -4.47
CA THR D 187 24.84 -12.81 -4.54
C THR D 187 26.38 -12.88 -4.57
N HIS D 188 26.99 -11.85 -5.17
CA HIS D 188 28.43 -11.67 -5.11
C HIS D 188 28.75 -10.23 -5.45
N MET D 189 30.01 -9.87 -5.29
CA MET D 189 30.44 -8.54 -5.61
C MET D 189 31.67 -8.62 -6.53
N THR D 190 31.76 -7.74 -7.53
CA THR D 190 33.01 -7.58 -8.28
C THR D 190 33.60 -6.20 -7.99
N HIS D 191 34.89 -6.08 -8.25
CA HIS D 191 35.65 -4.85 -8.00
C HIS D 191 36.50 -4.71 -9.22
N HIS D 192 36.40 -3.56 -9.87
CA HIS D 192 37.19 -3.32 -11.06
C HIS D 192 37.77 -1.89 -11.02
N ALA D 193 39.05 -1.74 -11.32
CA ALA D 193 39.70 -0.43 -11.27
C ALA D 193 39.32 0.37 -12.53
N VAL D 194 38.87 1.63 -12.40
CA VAL D 194 38.68 2.47 -13.59
C VAL D 194 39.86 3.40 -13.89
N SER D 195 40.64 3.69 -12.86
CA SER D 195 41.91 4.41 -12.97
C SER D 195 42.77 3.96 -11.79
N ASP D 196 43.87 4.65 -11.53
CA ASP D 196 44.59 4.37 -10.29
C ASP D 196 43.95 5.03 -9.05
N HIS D 197 42.95 5.89 -9.26
CA HIS D 197 42.35 6.59 -8.12
C HIS D 197 40.84 6.30 -7.87
N GLU D 198 40.23 5.47 -8.73
CA GLU D 198 38.83 5.07 -8.56
C GLU D 198 38.57 3.64 -9.02
N ALA D 199 37.53 3.02 -8.41
CA ALA D 199 37.12 1.68 -8.73
C ALA D 199 35.61 1.55 -8.75
N THR D 200 35.11 0.60 -9.56
CA THR D 200 33.67 0.20 -9.55
C THR D 200 33.40 -1.00 -8.65
N LEU D 201 32.55 -0.83 -7.63
CA LEU D 201 32.03 -2.00 -6.90
C LEU D 201 30.68 -2.31 -7.46
N ARG D 202 30.53 -3.54 -7.98
CA ARG D 202 29.24 -3.97 -8.48
C ARG D 202 28.68 -5.11 -7.64
N CYS D 203 27.47 -4.94 -7.12
CA CYS D 203 26.83 -5.96 -6.29
C CYS D 203 25.78 -6.68 -7.14
N TRP D 204 25.86 -8.00 -7.21
CA TRP D 204 25.04 -8.80 -8.13
C TRP D 204 24.02 -9.66 -7.44
N ALA D 205 22.82 -9.77 -8.00
CA ALA D 205 21.78 -10.68 -7.47
C ALA D 205 21.33 -11.57 -8.59
N LEU D 206 21.53 -12.89 -8.50
CA LEU D 206 21.26 -13.80 -9.58
C LEU D 206 20.31 -14.93 -9.20
N SER D 207 19.67 -15.49 -10.23
CA SER D 207 18.85 -16.71 -10.09
CA SER D 207 18.84 -16.70 -10.08
C SER D 207 17.71 -16.56 -9.07
N PHE D 208 17.08 -15.39 -9.06
CA PHE D 208 16.06 -15.19 -8.05
C PHE D 208 14.68 -15.23 -8.68
N TYR D 209 13.69 -15.56 -7.87
CA TYR D 209 12.26 -15.64 -8.26
C TYR D 209 11.47 -15.41 -6.96
N PRO D 210 10.43 -14.53 -6.96
CA PRO D 210 9.90 -13.70 -8.04
C PRO D 210 10.81 -12.53 -8.37
N ALA D 211 10.39 -11.74 -9.35
CA ALA D 211 11.22 -10.68 -9.87
C ALA D 211 11.44 -9.54 -8.87
N GLU D 212 10.47 -9.31 -8.00
CA GLU D 212 10.54 -8.27 -6.94
C GLU D 212 11.83 -8.35 -6.05
N ILE D 213 12.59 -7.27 -5.98
CA ILE D 213 13.85 -7.26 -5.22
C ILE D 213 14.30 -5.82 -4.97
N THR D 214 14.92 -5.58 -3.83
CA THR D 214 15.57 -4.29 -3.56
C THR D 214 17.09 -4.45 -3.35
N LEU D 215 17.86 -3.68 -4.14
CA LEU D 215 19.31 -3.71 -4.12
C LEU D 215 19.81 -2.26 -3.92
N THR D 216 20.46 -1.94 -2.80
CA THR D 216 20.81 -0.54 -2.54
C THR D 216 22.25 -0.50 -2.02
N TRP D 217 22.96 0.60 -2.28
CA TRP D 217 24.27 0.82 -1.69
C TRP D 217 24.19 1.87 -0.58
N GLN D 218 24.98 1.68 0.46
CA GLN D 218 25.14 2.73 1.47
C GLN D 218 26.61 3.05 1.69
N ARG D 219 26.91 4.30 2.06
CA ARG D 219 28.25 4.70 2.46
C ARG D 219 28.19 5.25 3.88
N ASP D 220 28.94 4.62 4.80
CA ASP D 220 28.85 4.80 6.28
C ASP D 220 27.40 4.73 6.80
N GLY D 221 26.62 3.82 6.25
CA GLY D 221 25.22 3.71 6.56
C GLY D 221 24.29 4.74 5.93
N GLU D 222 24.78 5.61 5.05
CA GLU D 222 23.92 6.58 4.35
C GLU D 222 23.61 6.12 2.93
N ASP D 223 22.34 6.17 2.53
CA ASP D 223 21.93 5.67 1.22
C ASP D 223 22.54 6.54 0.12
N GLN D 224 22.93 5.88 -0.96
CA GLN D 224 23.63 6.47 -2.09
C GLN D 224 22.76 6.46 -3.33
N THR D 225 21.46 6.66 -3.14
CA THR D 225 20.47 6.33 -4.20
C THR D 225 20.70 7.21 -5.44
N GLN D 226 21.12 8.45 -5.17
CA GLN D 226 21.59 9.39 -6.17
C GLN D 226 22.88 9.00 -6.90
N ASP D 227 23.75 8.23 -6.27
CA ASP D 227 25.04 7.90 -6.88
C ASP D 227 25.24 6.42 -7.25
N THR D 228 24.15 5.69 -7.41
CA THR D 228 24.20 4.27 -7.71
C THR D 228 23.73 4.02 -9.15
N GLU D 229 24.46 3.24 -9.95
CA GLU D 229 23.88 2.77 -11.18
C GLU D 229 23.12 1.47 -10.88
N LEU D 230 21.83 1.45 -11.17
CA LEU D 230 20.96 0.31 -10.89
C LEU D 230 20.42 -0.10 -12.24
N VAL D 231 20.48 -1.36 -12.62
CA VAL D 231 19.89 -1.72 -13.90
C VAL D 231 18.49 -2.23 -13.65
N GLU D 232 17.65 -2.15 -14.66
CA GLU D 232 16.36 -2.82 -14.66
C GLU D 232 16.57 -4.34 -14.42
N THR D 233 15.76 -4.90 -13.52
CA THR D 233 15.65 -6.35 -13.28
C THR D 233 15.40 -7.04 -14.64
N ARG D 234 16.09 -8.12 -14.95
CA ARG D 234 16.09 -8.66 -16.31
C ARG D 234 15.95 -10.19 -16.22
N PRO D 235 15.27 -10.83 -17.21
CA PRO D 235 15.09 -12.26 -17.20
C PRO D 235 16.38 -12.98 -17.61
N ALA D 236 16.73 -13.99 -16.82
CA ALA D 236 17.82 -14.90 -17.19
C ALA D 236 17.45 -15.84 -18.34
N GLY D 237 16.17 -16.10 -18.54
CA GLY D 237 15.70 -16.98 -19.63
C GLY D 237 15.29 -18.37 -19.18
N ASP D 238 15.61 -18.73 -17.95
CA ASP D 238 15.28 -20.05 -17.37
C ASP D 238 14.21 -19.88 -16.30
N GLY D 239 13.50 -18.75 -16.31
CA GLY D 239 12.44 -18.54 -15.32
C GLY D 239 12.88 -17.77 -14.08
N THR D 240 14.16 -17.41 -14.02
CA THR D 240 14.62 -16.60 -12.91
C THR D 240 15.09 -15.21 -13.42
N PHE D 241 15.46 -14.34 -12.45
CA PHE D 241 15.74 -12.92 -12.72
C PHE D 241 17.14 -12.54 -12.20
N GLN D 242 17.65 -11.40 -12.66
CA GLN D 242 19.02 -10.91 -12.35
C GLN D 242 18.90 -9.43 -12.09
N LYS D 243 19.72 -8.88 -11.20
CA LYS D 243 19.82 -7.42 -11.08
C LYS D 243 21.19 -7.09 -10.55
N TRP D 244 21.75 -5.95 -10.94
CA TRP D 244 22.96 -5.47 -10.25
C TRP D 244 22.87 -3.99 -9.88
N ALA D 245 23.55 -3.59 -8.81
CA ALA D 245 23.77 -2.16 -8.54
C ALA D 245 25.29 -1.88 -8.38
N ALA D 246 25.75 -0.75 -8.93
CA ALA D 246 27.17 -0.38 -8.83
C ALA D 246 27.42 1.03 -8.34
N VAL D 247 28.53 1.22 -7.64
CA VAL D 247 29.00 2.53 -7.20
C VAL D 247 30.45 2.71 -7.58
N VAL D 248 30.81 3.95 -7.88
CA VAL D 248 32.18 4.33 -8.13
C VAL D 248 32.74 4.78 -6.77
N VAL D 249 33.85 4.16 -6.36
CA VAL D 249 34.43 4.25 -5.02
C VAL D 249 35.84 4.85 -5.18
N PRO D 250 36.16 5.97 -4.46
CA PRO D 250 37.55 6.45 -4.50
C PRO D 250 38.41 5.40 -3.85
N SER D 251 39.55 5.07 -4.49
CA SER D 251 40.39 3.92 -4.07
C SER D 251 40.80 4.07 -2.61
N GLY D 252 40.71 2.98 -1.86
CA GLY D 252 40.89 3.05 -0.40
C GLY D 252 39.63 3.30 0.41
N GLN D 253 38.47 3.51 -0.21
CA GLN D 253 37.25 3.69 0.56
C GLN D 253 36.32 2.54 0.47
N GLU D 254 36.80 1.39 0.00
CA GLU D 254 35.97 0.20 -0.23
C GLU D 254 35.23 -0.23 1.02
N GLN D 255 35.90 -0.13 2.17
CA GLN D 255 35.33 -0.56 3.44
C GLN D 255 34.17 0.33 3.95
N ARG D 256 33.98 1.53 3.38
CA ARG D 256 32.87 2.41 3.77
C ARG D 256 31.53 1.94 3.20
N TYR D 257 31.59 1.14 2.15
CA TYR D 257 30.41 0.90 1.33
C TYR D 257 29.79 -0.44 1.71
N THR D 258 28.46 -0.49 1.75
CA THR D 258 27.79 -1.78 1.97
C THR D 258 26.61 -1.90 0.97
N CYS D 259 26.38 -3.11 0.48
CA CYS D 259 25.29 -3.35 -0.43
C CYS D 259 24.27 -4.16 0.32
N HIS D 260 23.00 -3.77 0.15
CA HIS D 260 21.90 -4.33 0.90
C HIS D 260 20.90 -5.00 -0.05
N VAL D 261 20.54 -6.26 0.24
CA VAL D 261 19.71 -7.05 -0.65
C VAL D 261 18.48 -7.49 0.09
N GLN D 262 17.29 -7.11 -0.39
CA GLN D 262 16.03 -7.58 0.18
C GLN D 262 15.26 -8.39 -0.86
N HIS D 263 14.83 -9.58 -0.47
CA HIS D 263 14.07 -10.44 -1.36
C HIS D 263 13.26 -11.37 -0.47
N GLU D 264 12.05 -11.70 -0.90
CA GLU D 264 11.19 -12.59 -0.09
C GLU D 264 11.75 -14.01 0.19
N GLY D 265 12.73 -14.44 -0.60
CA GLY D 265 13.43 -15.72 -0.40
C GLY D 265 14.49 -15.76 0.66
N LEU D 266 14.86 -14.57 1.16
CA LEU D 266 15.89 -14.41 2.15
C LEU D 266 15.21 -14.28 3.48
N PRO D 267 15.68 -15.04 4.50
CA PRO D 267 15.07 -14.97 5.83
C PRO D 267 15.37 -13.65 6.52
N LYS D 268 16.48 -13.06 6.10
CA LYS D 268 17.05 -11.85 6.63
C LYS D 268 17.61 -11.14 5.40
N PRO D 269 17.42 -9.80 5.31
CA PRO D 269 18.15 -9.06 4.26
C PRO D 269 19.68 -9.22 4.43
N LEU D 270 20.38 -9.22 3.32
CA LEU D 270 21.83 -9.40 3.34
C LEU D 270 22.51 -8.07 3.37
N THR D 271 23.66 -8.06 4.02
CA THR D 271 24.56 -6.92 3.93
C THR D 271 25.92 -7.38 3.47
N LEU D 272 26.37 -6.88 2.32
CA LEU D 272 27.62 -7.36 1.72
C LEU D 272 28.65 -6.23 1.70
N ARG D 273 29.93 -6.59 1.90
CA ARG D 273 31.00 -5.60 1.89
C ARG D 273 32.18 -6.17 1.07
N TRP D 274 32.88 -5.30 0.37
CA TRP D 274 34.16 -5.65 -0.18
C TRP D 274 35.10 -5.56 1.00
N GLU D 275 35.65 -6.70 1.42
CA GLU D 275 36.74 -6.77 2.40
C GLU D 275 37.48 -8.13 2.19
N MET E 1 2.45 10.58 -32.57
CA MET E 1 2.12 9.55 -31.55
C MET E 1 3.33 9.18 -30.68
N ILE E 2 3.01 8.53 -29.56
CA ILE E 2 3.94 8.07 -28.54
C ILE E 2 5.02 7.15 -29.13
N GLN E 3 6.28 7.50 -28.87
CA GLN E 3 7.43 6.70 -29.24
C GLN E 3 8.38 6.64 -28.06
N ARG E 4 8.71 5.43 -27.57
CA ARG E 4 9.68 5.29 -26.50
C ARG E 4 10.88 4.45 -26.95
N THR E 5 12.07 4.87 -26.52
CA THR E 5 13.31 4.30 -26.99
C THR E 5 13.55 3.03 -26.20
N PRO E 6 14.00 1.92 -26.85
CA PRO E 6 14.31 0.70 -26.02
C PRO E 6 15.53 0.87 -25.15
N LYS E 7 15.42 0.41 -23.90
CA LYS E 7 16.58 0.12 -23.07
C LYS E 7 17.14 -1.23 -23.56
N ILE E 8 18.46 -1.41 -23.52
CA ILE E 8 19.09 -2.60 -24.11
C ILE E 8 20.07 -3.10 -23.08
N GLN E 9 19.96 -4.36 -22.74
CA GLN E 9 21.00 -4.98 -21.87
C GLN E 9 21.47 -6.26 -22.57
N VAL E 10 22.79 -6.52 -22.61
CA VAL E 10 23.35 -7.74 -23.18
C VAL E 10 24.12 -8.44 -22.08
N TYR E 11 23.88 -9.74 -21.92
CA TYR E 11 24.38 -10.44 -20.76
C TYR E 11 24.20 -11.93 -20.95
N SER E 12 24.87 -12.70 -20.11
CA SER E 12 24.73 -14.15 -20.15
C SER E 12 23.76 -14.64 -19.07
N ARG E 13 23.10 -15.77 -19.35
CA ARG E 13 22.18 -16.41 -18.43
C ARG E 13 22.87 -16.80 -17.13
N HIS E 14 24.09 -17.35 -17.21
CA HIS E 14 24.86 -17.80 -16.07
C HIS E 14 26.16 -17.00 -16.11
N PRO E 15 26.88 -16.89 -14.98
CA PRO E 15 28.26 -16.31 -15.00
C PRO E 15 29.09 -16.91 -16.14
N ALA E 16 29.71 -16.06 -16.96
CA ALA E 16 30.49 -16.52 -18.10
C ALA E 16 31.73 -17.29 -17.64
N GLU E 17 31.88 -18.53 -18.07
CA GLU E 17 33.16 -19.20 -17.82
C GLU E 17 33.58 -19.81 -19.14
N ASN E 18 34.78 -19.46 -19.58
CA ASN E 18 35.31 -19.89 -20.88
C ASN E 18 35.27 -21.39 -21.09
N GLY E 19 34.74 -21.82 -22.23
CA GLY E 19 34.67 -23.23 -22.53
C GLY E 19 33.39 -23.90 -22.00
N LYS E 20 32.51 -23.16 -21.32
CA LYS E 20 31.30 -23.75 -20.75
C LYS E 20 30.02 -23.21 -21.35
N SER E 21 29.11 -24.13 -21.70
CA SER E 21 27.89 -23.76 -22.39
C SER E 21 26.98 -22.83 -21.59
N ASN E 22 26.35 -21.91 -22.32
CA ASN E 22 25.66 -20.79 -21.71
C ASN E 22 24.61 -20.27 -22.71
N PHE E 23 23.90 -19.21 -22.33
CA PHE E 23 23.08 -18.50 -23.26
C PHE E 23 23.44 -17.02 -23.18
N LEU E 24 23.58 -16.41 -24.35
CA LEU E 24 23.70 -14.99 -24.52
C LEU E 24 22.30 -14.34 -24.75
N ASN E 25 22.00 -13.27 -24.01
CA ASN E 25 20.69 -12.67 -24.00
C ASN E 25 20.81 -11.22 -24.46
N CYS E 26 19.81 -10.76 -25.19
CA CYS E 26 19.64 -9.34 -25.36
C CYS E 26 18.24 -8.96 -24.94
N TYR E 27 18.15 -8.24 -23.81
CA TYR E 27 16.87 -7.86 -23.28
C TYR E 27 16.59 -6.41 -23.74
N VAL E 28 15.52 -6.24 -24.49
CA VAL E 28 15.05 -4.87 -24.90
C VAL E 28 13.75 -4.54 -24.21
N SER E 29 13.60 -3.33 -23.70
CA SER E 29 12.43 -3.04 -22.86
C SER E 29 12.13 -1.57 -22.90
N GLY E 30 10.93 -1.25 -22.47
CA GLY E 30 10.55 0.16 -22.39
C GLY E 30 10.23 0.85 -23.69
N PHE E 31 10.09 0.10 -24.79
CA PHE E 31 9.90 0.74 -26.10
C PHE E 31 8.45 0.79 -26.62
N HIS E 32 8.24 1.65 -27.61
CA HIS E 32 6.95 1.80 -28.24
C HIS E 32 7.16 2.55 -29.52
N PRO E 33 6.52 2.13 -30.63
CA PRO E 33 5.68 0.98 -30.91
C PRO E 33 6.53 -0.33 -30.91
N SER E 34 5.90 -1.45 -31.22
CA SER E 34 6.57 -2.71 -31.02
C SER E 34 7.45 -3.15 -32.17
N ASP E 35 7.29 -2.60 -33.38
CA ASP E 35 8.22 -2.94 -34.46
C ASP E 35 9.67 -2.67 -34.00
N ILE E 36 10.47 -3.74 -33.91
CA ILE E 36 11.85 -3.62 -33.44
C ILE E 36 12.72 -4.63 -34.20
N GLU E 37 13.98 -4.31 -34.47
CA GLU E 37 14.93 -5.29 -35.06
C GLU E 37 16.07 -5.50 -34.11
N VAL E 38 16.34 -6.75 -33.77
CA VAL E 38 17.34 -7.05 -32.76
C VAL E 38 18.18 -8.21 -33.30
N ASP E 39 19.50 -8.01 -33.40
CA ASP E 39 20.39 -9.11 -33.80
C ASP E 39 21.42 -9.35 -32.71
N LEU E 40 21.85 -10.59 -32.56
CA LEU E 40 22.97 -10.83 -31.69
C LEU E 40 24.18 -11.02 -32.61
N LEU E 41 25.34 -10.52 -32.19
CA LEU E 41 26.53 -10.57 -33.07
C LEU E 41 27.70 -11.28 -32.42
N LYS E 42 28.41 -12.07 -33.22
CA LYS E 42 29.64 -12.75 -32.79
C LYS E 42 30.70 -12.23 -33.71
N ASN E 43 31.71 -11.58 -33.12
CA ASN E 43 32.81 -10.95 -33.86
C ASN E 43 32.38 -10.04 -35.04
N GLY E 44 31.32 -9.26 -34.86
CA GLY E 44 30.80 -8.39 -35.92
C GLY E 44 29.68 -9.00 -36.74
N GLU E 45 29.49 -10.32 -36.66
CA GLU E 45 28.67 -11.03 -37.63
C GLU E 45 27.36 -11.52 -37.01
N ARG E 46 26.30 -11.49 -37.82
CA ARG E 46 24.96 -11.80 -37.32
C ARG E 46 24.84 -13.28 -36.96
N ILE E 47 24.41 -13.57 -35.72
CA ILE E 47 24.16 -14.98 -35.31
C ILE E 47 22.81 -15.45 -35.95
N GLU E 48 22.77 -16.62 -36.60
CA GLU E 48 21.54 -17.07 -37.31
C GLU E 48 20.47 -17.72 -36.44
N LYS E 49 20.92 -18.48 -35.46
CA LYS E 49 20.04 -19.30 -34.63
C LYS E 49 19.62 -18.54 -33.34
N VAL E 50 18.82 -17.47 -33.51
CA VAL E 50 18.45 -16.60 -32.37
C VAL E 50 16.94 -16.68 -32.16
N GLU E 51 16.51 -16.92 -30.93
CA GLU E 51 15.11 -17.02 -30.67
C GLU E 51 14.69 -15.82 -29.83
N HIS E 52 13.39 -15.56 -29.81
CA HIS E 52 12.90 -14.52 -28.90
C HIS E 52 11.62 -14.87 -28.15
N SER E 53 11.43 -14.18 -27.05
CA SER E 53 10.23 -14.39 -26.20
C SER E 53 9.00 -13.80 -26.90
N ASP E 54 7.83 -14.08 -26.35
CA ASP E 54 6.58 -13.64 -26.97
C ASP E 54 6.40 -12.23 -26.52
N LEU E 55 6.02 -11.36 -27.45
CA LEU E 55 5.80 -9.94 -27.19
C LEU E 55 4.88 -9.69 -25.99
N SER E 56 5.36 -8.95 -25.00
CA SER E 56 4.52 -8.62 -23.84
C SER E 56 4.77 -7.17 -23.47
N PHE E 57 4.11 -6.69 -22.42
CA PHE E 57 4.24 -5.27 -22.06
C PHE E 57 4.09 -5.04 -20.57
N SER E 58 4.60 -3.90 -20.11
CA SER E 58 4.58 -3.53 -18.69
C SER E 58 3.35 -2.70 -18.32
N LYS E 59 3.28 -2.27 -17.05
CA LYS E 59 2.23 -1.40 -16.53
C LYS E 59 2.00 -0.13 -17.37
N ASP E 60 3.09 0.48 -17.88
CA ASP E 60 2.94 1.72 -18.67
C ASP E 60 2.69 1.47 -20.16
N TRP E 61 2.43 0.20 -20.56
CA TRP E 61 2.16 -0.20 -21.96
C TRP E 61 3.42 -0.40 -22.83
N SER E 62 4.61 -0.15 -22.27
CA SER E 62 5.79 -0.26 -23.09
C SER E 62 6.17 -1.73 -23.18
N PHE E 63 6.65 -2.11 -24.35
CA PHE E 63 6.99 -3.50 -24.70
C PHE E 63 8.32 -3.98 -24.18
N TYR E 64 8.44 -5.29 -24.00
CA TYR E 64 9.73 -5.91 -23.72
C TYR E 64 9.83 -7.27 -24.44
N LEU E 65 11.04 -7.60 -24.83
CA LEU E 65 11.33 -8.88 -25.48
C LEU E 65 12.70 -9.32 -25.04
N LEU E 66 12.87 -10.63 -24.93
CA LEU E 66 14.18 -11.19 -24.69
C LEU E 66 14.63 -11.97 -25.92
N TYR E 67 15.77 -11.60 -26.47
CA TYR E 67 16.38 -12.37 -27.56
C TYR E 67 17.53 -13.18 -27.01
N TYR E 68 17.68 -14.40 -27.47
CA TYR E 68 18.65 -15.34 -26.89
C TYR E 68 19.14 -16.40 -27.84
N THR E 69 20.33 -16.93 -27.52
CA THR E 69 20.98 -17.97 -28.32
C THR E 69 21.98 -18.73 -27.43
N GLU E 70 22.14 -20.02 -27.70
CA GLU E 70 23.17 -20.81 -27.03
C GLU E 70 24.56 -20.36 -27.47
N PHE E 71 25.46 -20.26 -26.52
CA PHE E 71 26.86 -19.98 -26.85
C PHE E 71 27.80 -20.53 -25.83
N THR E 72 29.05 -20.63 -26.24
CA THR E 72 30.14 -20.99 -25.37
C THR E 72 31.18 -19.89 -25.45
N PRO E 73 31.32 -19.11 -24.36
CA PRO E 73 32.25 -17.99 -24.28
C PRO E 73 33.68 -18.50 -24.34
N THR E 74 34.50 -17.75 -25.05
CA THR E 74 35.92 -18.01 -25.07
C THR E 74 36.58 -16.69 -24.64
N GLU E 75 37.90 -16.71 -24.51
CA GLU E 75 38.66 -15.52 -24.14
C GLU E 75 38.61 -14.49 -25.26
N LYS E 76 38.65 -14.94 -26.51
CA LYS E 76 38.85 -14.06 -27.65
C LYS E 76 37.60 -13.56 -28.39
N ASP E 77 36.49 -14.29 -28.33
CA ASP E 77 35.29 -13.90 -29.08
C ASP E 77 34.56 -12.74 -28.43
N GLU E 78 34.19 -11.76 -29.25
CA GLU E 78 33.39 -10.63 -28.78
C GLU E 78 31.96 -10.82 -29.23
N TYR E 79 31.03 -10.45 -28.35
CA TYR E 79 29.59 -10.54 -28.64
C TYR E 79 28.97 -9.15 -28.51
N ALA E 80 27.90 -8.89 -29.26
CA ALA E 80 27.14 -7.64 -29.17
C ALA E 80 25.69 -7.87 -29.51
N CYS E 81 24.84 -6.93 -29.10
CA CYS E 81 23.46 -6.89 -29.52
C CYS E 81 23.30 -5.63 -30.39
N ARG E 82 22.62 -5.76 -31.52
CA ARG E 82 22.37 -4.63 -32.41
C ARG E 82 20.90 -4.44 -32.50
N VAL E 83 20.42 -3.23 -32.19
CA VAL E 83 18.97 -2.93 -32.08
C VAL E 83 18.56 -1.73 -32.99
N ASN E 84 17.54 -1.89 -33.81
CA ASN E 84 16.96 -0.70 -34.49
C ASN E 84 15.50 -0.53 -34.12
N HIS E 85 15.04 0.72 -34.15
CA HIS E 85 13.69 1.08 -33.70
C HIS E 85 13.48 2.47 -34.31
N VAL E 86 12.23 2.86 -34.52
CA VAL E 86 11.93 4.21 -35.05
C VAL E 86 12.58 5.38 -34.25
N THR E 87 12.81 5.20 -32.94
CA THR E 87 13.37 6.25 -32.05
C THR E 87 14.91 6.44 -32.22
N LEU E 88 15.54 5.53 -32.93
CA LEU E 88 16.98 5.43 -33.06
C LEU E 88 17.34 5.92 -34.46
N SER E 89 18.24 6.90 -34.54
CA SER E 89 18.60 7.48 -35.85
C SER E 89 19.44 6.50 -36.66
N GLN E 90 20.15 5.62 -35.96
CA GLN E 90 20.85 4.55 -36.59
C GLN E 90 20.82 3.36 -35.63
N PRO E 91 21.11 2.13 -36.13
CA PRO E 91 21.07 0.98 -35.20
C PRO E 91 22.05 1.10 -34.03
N LYS E 92 21.64 0.72 -32.83
CA LYS E 92 22.47 0.86 -31.65
C LYS E 92 23.14 -0.49 -31.34
N ILE E 93 24.47 -0.50 -31.27
CA ILE E 93 25.24 -1.71 -30.94
C ILE E 93 25.69 -1.67 -29.49
N VAL E 94 25.29 -2.66 -28.68
CA VAL E 94 25.78 -2.72 -27.33
C VAL E 94 26.70 -3.95 -27.18
N LYS E 95 27.99 -3.74 -26.90
CA LYS E 95 28.94 -4.84 -26.65
C LYS E 95 28.67 -5.63 -25.36
N TRP E 96 28.79 -6.96 -25.42
CA TRP E 96 28.72 -7.79 -24.23
C TRP E 96 29.94 -7.61 -23.36
N ASP E 97 29.71 -7.31 -22.09
CA ASP E 97 30.76 -7.23 -21.09
C ASP E 97 30.43 -8.30 -20.04
N ARG E 98 31.36 -9.25 -19.81
CA ARG E 98 31.03 -10.37 -18.86
C ARG E 98 30.73 -9.93 -17.39
N ASP E 99 31.18 -8.73 -17.00
CA ASP E 99 30.83 -8.24 -15.66
CA ASP E 99 30.92 -8.15 -15.69
C ASP E 99 29.66 -7.23 -15.70
N MET E 100 28.79 -7.31 -16.72
CA MET E 100 27.58 -6.43 -16.81
C MET E 100 26.24 -7.16 -17.21
N ARG F 1 -7.41 -19.00 -17.50
CA ARG F 1 -8.42 -19.10 -18.50
C ARG F 1 -8.98 -17.74 -18.85
N MET F 2 -9.12 -17.47 -20.12
CA MET F 2 -9.54 -16.12 -20.57
C MET F 2 -11.03 -15.81 -20.36
N PHE F 3 -11.36 -14.53 -20.28
CA PHE F 3 -12.72 -14.05 -20.39
C PHE F 3 -13.16 -14.35 -21.82
N PRO F 4 -14.41 -14.79 -22.03
CA PRO F 4 -14.87 -15.21 -23.39
C PRO F 4 -14.81 -14.17 -24.52
N ASN F 5 -14.98 -12.87 -24.23
CA ASN F 5 -15.14 -11.85 -25.29
C ASN F 5 -14.10 -10.72 -25.33
N ALA F 6 -13.90 -10.15 -26.50
CA ALA F 6 -13.36 -8.82 -26.53
C ALA F 6 -14.53 -7.95 -26.99
N PRO F 7 -14.99 -7.03 -26.12
CA PRO F 7 -16.09 -6.14 -26.53
C PRO F 7 -15.56 -5.12 -27.53
N TYR F 8 -16.38 -4.77 -28.51
CA TYR F 8 -16.04 -3.81 -29.52
C TYR F 8 -15.86 -2.44 -28.91
N LEU F 9 -14.72 -1.82 -29.16
CA LEU F 9 -14.50 -0.39 -28.91
C LEU F 9 -15.39 0.53 -29.72
#